data_4FXB
#
_entry.id   4FXB
#
_cell.length_a   133.086
_cell.length_b   133.086
_cell.length_c   227.111
_cell.angle_alpha   90.00
_cell.angle_beta   90.00
_cell.angle_gamma   120.00
#
_symmetry.space_group_name_H-M   'P 61 2 2'
#
loop_
_entity.id
_entity.type
_entity.pdbx_description
1 polymer 'Putative cytochrome P450'
2 non-polymer 'PROTOPORPHYRIN IX CONTAINING FE'
3 water water
#
_entity_poly.entity_id   1
_entity_poly.type   'polypeptide(L)'
_entity_poly.pdbx_seq_one_letter_code
;MTPPESPTASHTPGATPPRDFPIQRGCPFAAPAEYAALRTDDPVARVTLPTRREAWVVTRYDDVRELLSDPRVSADIRRP
GFPALGEGEQEAGARFRPFIRTDAPEHTRYRRMLLPAFTVRRVRAMRPAVQARVDEILDGMLAAGGPVDLVSAYANAVST
SVICELLGIPRHDLEFFRDVTRISGSRNSTAEQVSEALGGLFGLLGGLVAERREEPRDDLISKLVTDHLVPGNVTTEQLL
STLGITINAGRETTTSMIALSTLLLLDRPELPAELRKDPDLMPAAVDELLRVLSVADSIPLRVAAEDIELSGRTVPADDG
VIALLAGANHDPEQFDDPERVDFHRTDNHHVAFGYGVHQCVGQHLARLELEVALETLLRRVPTLRLAGERDQVVVKHDSA
TFGLEELMVTWHHHHHH
;
_entity_poly.pdbx_strand_id   A,B
#
loop_
_chem_comp.id
_chem_comp.type
_chem_comp.name
_chem_comp.formula
HEM non-polymer 'PROTOPORPHYRIN IX CONTAINING FE' 'C34 H32 Fe N4 O4'
#
# COMPACT_ATOMS: atom_id res chain seq x y z
N PRO A 18 31.68 13.70 8.48
CA PRO A 18 32.45 13.29 7.27
C PRO A 18 31.69 12.47 6.11
N ARG A 19 30.35 12.34 6.19
CA ARG A 19 29.52 11.31 5.46
C ARG A 19 28.78 11.78 4.17
N ASP A 20 28.60 10.93 3.15
CA ASP A 20 27.78 11.34 2.00
C ASP A 20 26.65 10.43 1.56
N PHE A 21 25.68 10.93 0.77
CA PHE A 21 24.62 10.08 0.09
C PHE A 21 24.95 9.74 -1.43
N PRO A 22 24.85 8.44 -1.77
CA PRO A 22 25.54 7.83 -2.91
C PRO A 22 24.74 7.94 -4.20
N ILE A 23 25.47 8.22 -5.29
CA ILE A 23 24.91 8.61 -6.58
C ILE A 23 23.92 7.58 -7.15
N GLN A 24 24.14 6.26 -6.92
CA GLN A 24 25.48 5.67 -6.91
C GLN A 24 25.75 6.01 -8.37
N ARG A 25 24.78 5.66 -9.19
CA ARG A 25 23.89 4.56 -8.93
C ARG A 25 24.79 3.51 -9.46
N GLY A 26 24.73 2.30 -8.96
CA GLY A 26 25.78 1.36 -9.29
C GLY A 26 25.85 1.31 -10.77
N CYS A 27 24.88 1.94 -11.35
CA CYS A 27 24.51 1.78 -12.67
C CYS A 27 23.52 0.69 -13.07
N PRO A 28 23.79 -0.55 -12.67
CA PRO A 28 23.70 -1.81 -13.40
C PRO A 28 23.09 -3.04 -12.66
N PHE A 29 21.76 -3.08 -12.62
CA PHE A 29 20.97 -1.92 -13.07
C PHE A 29 20.75 -0.94 -11.96
N ALA A 30 20.13 -1.36 -10.89
CA ALA A 30 19.93 -0.40 -9.86
C ALA A 30 19.85 -1.10 -8.53
N ALA A 31 20.12 -0.39 -7.44
CA ALA A 31 20.62 0.98 -7.45
C ALA A 31 21.52 1.01 -6.24
N PRO A 32 21.51 -0.12 -5.48
CA PRO A 32 21.87 -0.06 -4.09
C PRO A 32 23.22 0.56 -3.90
N ALA A 33 24.11 0.46 -4.87
CA ALA A 33 25.38 1.11 -4.70
C ALA A 33 25.98 0.46 -3.46
N GLU A 34 26.59 1.34 -2.66
CA GLU A 34 27.28 0.97 -1.42
C GLU A 34 26.34 0.42 -0.39
N TYR A 35 25.01 0.64 -0.56
CA TYR A 35 24.02 0.57 0.52
C TYR A 35 24.01 -0.78 1.22
N ALA A 36 24.52 -1.81 0.54
CA ALA A 36 24.44 -3.19 1.06
C ALA A 36 24.84 -3.18 2.51
N ALA A 37 26.08 -2.75 2.72
CA ALA A 37 26.63 -2.30 4.01
C ALA A 37 25.75 -1.40 4.84
N LEU A 38 25.23 -0.30 4.31
CA LEU A 38 24.42 0.63 5.16
C LEU A 38 23.00 0.14 5.42
N ARG A 39 22.54 -0.79 4.59
CA ARG A 39 21.27 -1.53 4.81
C ARG A 39 21.37 -2.51 6.01
N THR A 40 22.43 -3.32 6.03
CA THR A 40 22.58 -4.31 7.09
C THR A 40 22.97 -3.67 8.40
N ASP A 41 23.78 -2.63 8.27
CA ASP A 41 24.40 -2.00 9.46
C ASP A 41 23.93 -0.59 9.87
N ASP A 42 24.28 0.49 9.21
CA ASP A 42 23.91 1.80 9.83
C ASP A 42 22.46 2.13 9.42
N PRO A 43 21.49 1.33 9.93
CA PRO A 43 20.19 1.17 9.36
C PRO A 43 19.57 2.56 9.41
N VAL A 44 20.02 3.32 10.39
CA VAL A 44 19.88 4.73 10.43
C VAL A 44 21.31 5.15 10.62
N ALA A 45 22.01 5.43 9.52
CA ALA A 45 23.26 6.12 9.69
C ALA A 45 23.05 7.61 9.38
N ARG A 46 24.02 8.39 9.90
CA ARG A 46 24.18 9.86 9.71
C ARG A 46 24.93 10.07 8.46
N VAL A 47 24.50 11.07 7.69
CA VAL A 47 25.23 11.48 6.49
C VAL A 47 24.97 12.94 6.06
N THR A 48 26.05 13.60 5.65
CA THR A 48 26.01 14.95 5.15
C THR A 48 25.31 15.04 3.83
N LEU A 49 24.70 16.17 3.62
CA LEU A 49 24.10 16.48 2.37
C LEU A 49 25.16 17.42 1.74
N PRO A 50 25.38 17.43 0.39
CA PRO A 50 26.17 18.40 -0.42
C PRO A 50 26.17 19.86 0.06
N THR A 51 25.36 20.13 1.07
CA THR A 51 25.13 21.44 1.61
C THR A 51 25.86 21.33 2.98
N ARG A 52 26.41 20.16 3.18
CA ARG A 52 27.08 19.79 4.43
C ARG A 52 26.28 20.02 5.74
N ARG A 53 24.94 20.26 5.63
CA ARG A 53 24.01 20.05 6.72
C ARG A 53 23.95 18.61 6.96
N GLU A 54 23.87 18.22 8.23
CA GLU A 54 23.85 16.82 8.58
C GLU A 54 22.36 16.42 8.42
N ALA A 55 22.18 15.12 8.24
CA ALA A 55 20.87 14.50 8.26
C ALA A 55 20.89 12.95 8.30
N TRP A 56 19.70 12.42 8.54
CA TRP A 56 19.53 11.01 8.80
C TRP A 56 18.87 10.22 7.66
N VAL A 57 19.33 9.00 7.46
CA VAL A 57 19.03 8.18 6.30
C VAL A 57 18.72 6.68 6.62
N VAL A 58 17.57 6.26 6.10
CA VAL A 58 16.86 5.05 6.43
C VAL A 58 16.89 4.14 5.20
N THR A 59 17.23 2.89 5.52
CA THR A 59 17.47 1.89 4.46
C THR A 59 16.85 0.48 4.50
N ARG A 60 16.00 0.19 5.47
CA ARG A 60 15.48 -1.16 5.58
C ARG A 60 14.03 -1.08 5.24
N TYR A 61 13.51 -2.02 4.45
CA TYR A 61 12.08 -1.97 4.01
C TYR A 61 11.09 -1.43 5.05
N ASP A 62 10.87 -2.14 6.15
CA ASP A 62 9.89 -1.72 7.10
C ASP A 62 10.24 -0.43 7.79
N ASP A 63 11.54 -0.18 8.03
CA ASP A 63 12.02 1.14 8.55
C ASP A 63 11.45 2.18 7.58
N VAL A 64 11.79 2.01 6.32
CA VAL A 64 11.41 2.98 5.31
C VAL A 64 9.93 3.26 5.20
N ARG A 65 9.10 2.30 5.55
CA ARG A 65 7.65 2.41 5.34
C ARG A 65 6.86 3.02 6.49
N GLU A 66 7.25 2.67 7.69
CA GLU A 66 6.41 2.96 8.85
C GLU A 66 6.84 4.32 9.14
N LEU A 67 8.14 4.53 8.81
CA LEU A 67 8.87 5.79 9.05
C LEU A 67 8.05 6.64 8.25
N LEU A 68 7.75 6.16 7.05
CA LEU A 68 7.00 7.05 6.20
C LEU A 68 5.56 7.42 6.68
N SER A 69 4.87 6.48 7.31
CA SER A 69 3.64 6.84 7.82
C SER A 69 3.70 6.63 9.26
N ASP A 70 4.49 7.53 9.83
CA ASP A 70 4.36 7.96 11.20
C ASP A 70 3.55 9.25 11.24
N PRO A 71 2.61 9.35 12.17
CA PRO A 71 1.93 10.47 12.76
C PRO A 71 2.73 11.74 12.77
N ARG A 72 4.00 11.66 13.20
CA ARG A 72 4.87 12.76 13.52
C ARG A 72 6.12 12.79 12.65
N VAL A 73 6.03 13.30 11.41
CA VAL A 73 7.20 13.32 10.47
C VAL A 73 7.29 14.44 9.40
N SER A 74 6.47 15.50 9.44
CA SER A 74 6.05 16.31 8.21
C SER A 74 7.14 16.99 7.38
N ALA A 75 6.69 17.68 6.31
CA ALA A 75 7.49 18.59 5.47
C ALA A 75 7.37 20.16 5.93
N ASP A 76 8.30 21.12 5.55
CA ASP A 76 8.12 22.63 5.84
C ASP A 76 9.41 23.61 5.85
N ILE A 77 9.66 24.18 7.06
CA ILE A 77 10.77 25.11 7.43
C ILE A 77 12.06 24.29 7.69
N ARG A 78 13.13 24.78 8.33
CA ARG A 78 14.29 23.89 8.67
C ARG A 78 13.95 22.58 9.32
N ARG A 79 14.75 21.52 9.11
CA ARG A 79 15.85 21.46 8.09
C ARG A 79 15.91 20.14 7.23
N PRO A 80 15.20 20.03 6.01
CA PRO A 80 15.11 18.80 5.20
C PRO A 80 16.27 18.32 4.24
N GLY A 81 16.33 18.97 3.08
CA GLY A 81 16.51 18.28 1.80
C GLY A 81 17.74 18.84 1.30
N PHE A 82 18.09 18.64 0.04
CA PHE A 82 19.24 19.39 -0.40
C PHE A 82 19.09 20.33 -1.58
N PRO A 83 18.14 20.03 -2.49
CA PRO A 83 18.47 20.75 -3.71
C PRO A 83 19.91 21.45 -3.72
N GLY A 88 23.13 23.10 -3.38
CA GLY A 88 23.28 24.54 -3.16
C GLY A 88 22.19 25.25 -2.32
N GLU A 89 20.89 24.92 -2.48
CA GLU A 89 19.76 25.82 -2.12
C GLU A 89 18.32 25.22 -2.25
N GLN A 90 17.48 25.23 -1.20
CA GLN A 90 17.69 25.86 0.09
C GLN A 90 16.47 25.49 0.93
N GLU A 91 16.65 25.48 2.25
CA GLU A 91 15.50 25.48 3.13
C GLU A 91 14.69 26.65 2.63
N ALA A 92 15.34 27.76 2.26
CA ALA A 92 14.67 28.73 1.36
C ALA A 92 14.37 28.15 -0.05
N GLY A 93 13.20 28.49 -0.58
CA GLY A 93 12.37 29.49 0.08
C GLY A 93 11.32 28.94 1.01
N ALA A 94 10.66 29.81 1.75
CA ALA A 94 9.40 29.45 2.34
C ALA A 94 8.47 29.55 1.18
N ARG A 95 8.95 29.11 0.02
CA ARG A 95 8.11 29.08 -1.19
C ARG A 95 6.73 28.66 -0.70
N PHE A 96 5.69 29.25 -1.25
CA PHE A 96 4.39 28.86 -0.74
C PHE A 96 4.16 27.43 -1.19
N ARG A 97 2.93 26.97 -0.98
CA ARG A 97 2.52 25.73 -1.63
C ARG A 97 3.84 25.07 -1.17
N PRO A 98 4.67 24.51 -2.04
CA PRO A 98 4.43 23.54 -3.05
C PRO A 98 3.95 22.58 -2.02
N PHE A 99 2.72 22.11 -2.17
CA PHE A 99 1.92 21.69 -1.07
C PHE A 99 2.35 20.26 -0.88
N ILE A 100 3.18 19.80 -1.79
CA ILE A 100 3.71 18.46 -1.71
C ILE A 100 4.83 18.40 -0.66
N ARG A 101 5.20 19.60 -0.20
CA ARG A 101 5.95 19.74 1.04
C ARG A 101 5.41 20.57 2.16
N THR A 102 4.13 20.41 2.42
CA THR A 102 3.43 20.87 3.63
C THR A 102 3.13 19.59 4.37
N ASP A 103 2.92 19.60 5.67
CA ASP A 103 2.04 18.58 6.27
C ASP A 103 0.54 19.07 6.28
N ALA A 104 -0.37 18.22 6.77
CA ALA A 104 -1.79 18.64 7.00
C ALA A 104 -1.85 19.90 7.89
N PRO A 105 -2.99 20.61 7.95
CA PRO A 105 -4.20 20.54 7.17
C PRO A 105 -4.17 21.40 5.91
N GLU A 106 -3.06 22.07 5.60
CA GLU A 106 -2.90 22.68 4.25
C GLU A 106 -2.63 21.60 3.25
N HIS A 107 -1.66 20.75 3.49
CA HIS A 107 -1.38 19.78 2.43
C HIS A 107 -2.53 18.88 2.06
N THR A 108 -3.28 18.40 3.05
CA THR A 108 -4.38 17.48 2.75
C THR A 108 -5.42 18.19 1.80
N ARG A 109 -5.84 19.39 2.15
CA ARG A 109 -6.88 19.98 1.37
C ARG A 109 -6.46 20.17 -0.10
N TYR A 110 -5.17 20.04 -0.42
CA TYR A 110 -4.75 20.03 -1.84
C TYR A 110 -4.76 18.62 -2.36
N ARG A 111 -3.97 17.73 -1.72
CA ARG A 111 -3.96 16.29 -2.06
C ARG A 111 -5.39 15.93 -2.38
N ARG A 112 -6.30 15.97 -1.39
CA ARG A 112 -7.69 15.51 -1.59
C ARG A 112 -8.39 16.35 -2.62
N MET A 113 -7.91 17.58 -2.85
CA MET A 113 -8.56 18.48 -3.81
C MET A 113 -8.52 17.76 -5.12
N LEU A 114 -7.74 16.70 -5.24
CA LEU A 114 -7.34 16.31 -6.55
C LEU A 114 -7.55 14.81 -6.78
N LEU A 115 -7.44 13.99 -5.71
CA LEU A 115 -7.74 12.50 -5.68
C LEU A 115 -8.94 12.03 -6.33
N PRO A 116 -10.11 12.37 -5.84
CA PRO A 116 -11.31 12.03 -6.65
C PRO A 116 -11.14 11.91 -8.19
N ALA A 117 -10.31 12.81 -8.77
CA ALA A 117 -9.96 12.81 -10.27
C ALA A 117 -9.12 11.67 -10.62
N PHE A 118 -8.25 11.38 -9.68
CA PHE A 118 -7.11 10.54 -9.96
C PHE A 118 -7.40 9.13 -10.03
N THR A 119 -7.70 8.55 -8.92
CA THR A 119 -8.41 7.30 -8.89
C THR A 119 -8.03 6.39 -10.09
N VAL A 120 -8.87 5.40 -10.42
CA VAL A 120 -8.53 4.16 -11.12
C VAL A 120 -9.68 4.01 -12.10
N ARG A 121 -10.91 3.86 -11.56
CA ARG A 121 -12.06 3.83 -12.45
C ARG A 121 -11.84 4.95 -13.49
N ARG A 122 -11.46 6.11 -12.99
CA ARG A 122 -11.03 7.14 -13.88
C ARG A 122 -9.75 6.80 -14.75
N VAL A 123 -8.64 6.56 -14.10
CA VAL A 123 -7.38 6.18 -14.82
C VAL A 123 -7.43 5.04 -15.88
N ARG A 124 -8.07 3.86 -15.59
CA ARG A 124 -8.22 2.78 -16.60
C ARG A 124 -9.12 3.26 -17.72
N ALA A 125 -9.97 4.25 -17.47
CA ALA A 125 -10.80 4.88 -18.53
C ALA A 125 -10.02 5.43 -19.63
N MET A 126 -9.01 6.28 -19.37
CA MET A 126 -8.18 6.80 -20.50
C MET A 126 -7.29 5.74 -21.21
N ARG A 127 -7.44 4.51 -20.81
CA ARG A 127 -6.94 3.43 -21.56
C ARG A 127 -6.99 3.59 -23.13
N PRO A 128 -8.09 4.18 -23.64
CA PRO A 128 -8.09 4.30 -25.09
C PRO A 128 -7.44 5.46 -25.64
N ALA A 129 -7.46 6.52 -24.89
CA ALA A 129 -6.75 7.71 -25.27
C ALA A 129 -5.26 7.69 -24.91
N VAL A 130 -4.86 6.84 -24.00
CA VAL A 130 -3.43 6.84 -23.69
C VAL A 130 -2.92 5.98 -24.85
N GLN A 131 -3.69 4.98 -25.27
CA GLN A 131 -3.27 4.02 -26.29
C GLN A 131 -3.08 4.70 -27.61
N ALA A 132 -4.23 5.29 -28.01
CA ALA A 132 -4.32 6.27 -29.06
C ALA A 132 -3.07 7.14 -29.15
N ARG A 133 -2.77 7.80 -28.04
CA ARG A 133 -1.71 8.81 -28.13
C ARG A 133 -0.30 8.20 -28.43
N VAL A 134 0.04 7.16 -27.69
CA VAL A 134 1.30 6.47 -27.82
C VAL A 134 1.37 6.00 -29.25
N ASP A 135 0.24 5.52 -29.73
CA ASP A 135 0.24 5.01 -31.07
C ASP A 135 0.52 6.18 -32.00
N GLU A 136 -0.24 7.26 -31.91
CA GLU A 136 0.00 8.35 -32.85
C GLU A 136 1.45 8.88 -32.71
N ILE A 137 2.03 8.86 -31.54
CA ILE A 137 3.37 9.44 -31.49
C ILE A 137 4.33 8.51 -32.24
N LEU A 138 4.05 7.21 -32.21
CA LEU A 138 4.89 6.26 -32.85
C LEU A 138 4.80 6.39 -34.37
N ASP A 139 3.55 6.60 -34.80
CA ASP A 139 3.25 6.84 -36.23
C ASP A 139 4.40 7.65 -36.93
N GLY A 140 4.78 8.75 -36.29
CA GLY A 140 5.91 9.55 -36.71
C GLY A 140 7.25 8.94 -36.40
N MET A 141 7.46 8.41 -35.18
CA MET A 141 8.76 7.79 -34.79
C MET A 141 9.41 7.09 -35.98
N LEU A 142 8.56 6.38 -36.70
CA LEU A 142 9.00 5.43 -37.64
C LEU A 142 8.88 6.12 -38.96
N ALA A 143 8.11 7.19 -39.00
CA ALA A 143 8.01 7.95 -40.22
C ALA A 143 9.20 8.90 -40.40
N ALA A 144 9.64 9.64 -39.38
CA ALA A 144 10.86 10.51 -39.64
C ALA A 144 12.20 9.69 -39.57
N GLY A 145 11.99 8.44 -39.19
CA GLY A 145 12.93 7.41 -39.29
C GLY A 145 14.12 7.72 -38.41
N GLY A 146 15.29 7.87 -39.03
CA GLY A 146 16.50 8.20 -38.30
C GLY A 146 16.72 7.16 -37.24
N PRO A 147 17.99 6.87 -36.97
CA PRO A 147 18.47 6.37 -35.69
C PRO A 147 18.37 7.51 -34.70
N VAL A 148 17.27 7.62 -33.96
CA VAL A 148 16.99 8.75 -33.04
C VAL A 148 17.08 8.40 -31.57
N ASP A 149 17.39 9.44 -30.77
CA ASP A 149 17.45 9.41 -29.33
C ASP A 149 16.05 9.07 -28.85
N LEU A 150 15.91 8.33 -27.72
CA LEU A 150 14.60 7.78 -27.21
C LEU A 150 13.94 8.70 -26.24
N VAL A 151 14.73 8.98 -25.21
CA VAL A 151 14.38 9.83 -24.12
C VAL A 151 13.69 11.10 -24.56
N SER A 152 14.42 11.86 -25.38
CA SER A 152 13.88 13.05 -26.09
C SER A 152 12.61 12.71 -26.90
N ALA A 153 12.74 11.65 -27.69
CA ALA A 153 11.81 11.32 -28.78
C ALA A 153 10.54 10.57 -28.39
N TYR A 154 10.71 9.33 -27.85
CA TYR A 154 9.53 8.62 -27.40
C TYR A 154 9.27 9.00 -25.98
N ALA A 155 10.23 8.57 -25.15
CA ALA A 155 10.19 8.62 -23.70
C ALA A 155 9.48 9.81 -23.11
N ASN A 156 9.99 11.04 -23.37
CA ASN A 156 9.36 12.33 -22.96
C ASN A 156 7.96 12.42 -23.57
N ALA A 157 7.91 12.11 -24.89
CA ALA A 157 6.80 12.46 -25.78
C ALA A 157 5.60 11.95 -25.10
N VAL A 158 5.57 10.64 -24.93
CA VAL A 158 4.44 10.07 -24.29
C VAL A 158 4.06 10.83 -23.00
N SER A 159 4.98 10.81 -22.07
CA SER A 159 4.87 11.30 -20.72
C SER A 159 4.04 12.52 -20.60
N THR A 160 4.33 13.46 -21.49
CA THR A 160 3.85 14.85 -21.43
C THR A 160 2.42 14.72 -21.85
N SER A 161 2.28 13.92 -22.88
CA SER A 161 1.14 13.92 -23.71
C SER A 161 0.15 13.06 -22.95
N VAL A 162 0.65 12.26 -22.03
CA VAL A 162 -0.19 11.45 -21.26
C VAL A 162 -0.97 12.46 -20.44
N ILE A 163 -0.19 13.39 -19.92
CA ILE A 163 -0.58 14.40 -18.89
C ILE A 163 -1.39 15.44 -19.60
N CYS A 164 -1.14 15.54 -20.86
CA CYS A 164 -2.00 16.37 -21.55
C CYS A 164 -3.35 15.72 -21.40
N GLU A 165 -3.43 14.47 -21.85
CA GLU A 165 -4.70 13.79 -21.91
C GLU A 165 -5.34 13.81 -20.56
N LEU A 166 -4.54 13.93 -19.51
CA LEU A 166 -5.07 14.05 -18.16
C LEU A 166 -5.82 15.45 -17.79
N LEU A 167 -5.03 16.49 -17.98
CA LEU A 167 -5.52 17.82 -17.89
C LEU A 167 -6.40 18.29 -19.03
N GLY A 168 -6.97 17.43 -19.85
CA GLY A 168 -7.81 17.91 -20.97
C GLY A 168 -7.18 18.83 -22.03
N ILE A 169 -5.84 18.89 -22.09
CA ILE A 169 -5.06 19.76 -23.03
C ILE A 169 -5.21 19.47 -24.54
N PRO A 170 -5.56 20.48 -25.32
CA PRO A 170 -6.21 20.08 -26.53
C PRO A 170 -5.43 20.03 -27.84
N ARG A 171 -6.24 19.98 -28.89
CA ARG A 171 -5.94 19.28 -30.10
C ARG A 171 -4.45 19.05 -30.35
N HIS A 172 -3.81 19.89 -31.16
CA HIS A 172 -2.39 19.72 -31.23
C HIS A 172 -1.68 21.01 -30.98
N ASP A 173 -2.20 21.66 -29.96
CA ASP A 173 -1.55 22.79 -29.33
C ASP A 173 -0.74 22.12 -28.23
N LEU A 174 -0.43 20.83 -28.46
CA LEU A 174 0.46 20.05 -27.63
C LEU A 174 1.85 20.55 -27.74
N GLU A 175 2.25 21.06 -28.88
CA GLU A 175 3.51 21.72 -28.86
C GLU A 175 3.43 23.18 -28.33
N PHE A 176 2.27 23.87 -28.44
CA PHE A 176 1.98 25.07 -27.59
C PHE A 176 2.60 24.66 -26.24
N PHE A 177 2.40 23.35 -25.92
CA PHE A 177 2.61 22.76 -24.56
C PHE A 177 3.95 22.07 -24.38
N ARG A 178 4.30 21.15 -25.25
CA ARG A 178 5.50 20.34 -25.13
C ARG A 178 6.67 21.29 -25.05
N ASP A 179 6.39 22.50 -25.43
CA ASP A 179 7.43 23.45 -25.58
C ASP A 179 7.73 24.17 -24.28
N VAL A 180 6.72 24.78 -23.71
CA VAL A 180 6.92 25.41 -22.43
C VAL A 180 7.43 24.42 -21.42
N THR A 181 7.15 23.11 -21.62
CA THR A 181 7.81 21.99 -20.87
C THR A 181 9.29 21.98 -21.09
N ARG A 182 9.72 21.56 -22.31
CA ARG A 182 11.14 21.57 -22.77
C ARG A 182 11.79 22.74 -22.11
N ILE A 183 11.37 23.96 -22.51
CA ILE A 183 12.00 25.21 -22.12
C ILE A 183 12.06 25.34 -20.62
N SER A 184 10.84 25.51 -20.09
CA SER A 184 10.53 25.94 -18.73
C SER A 184 11.26 25.05 -17.85
N GLY A 185 11.02 23.75 -17.96
CA GLY A 185 11.70 22.77 -17.13
C GLY A 185 13.21 22.67 -17.29
N SER A 186 13.71 22.23 -18.42
CA SER A 186 15.08 21.86 -18.37
C SER A 186 16.10 22.96 -18.75
N ARG A 187 17.28 22.46 -19.11
CA ARG A 187 18.59 22.97 -18.71
C ARG A 187 19.02 24.40 -18.72
N ASN A 188 18.58 25.26 -19.67
CA ASN A 188 19.24 26.58 -19.70
C ASN A 188 18.69 27.93 -20.24
N SER A 189 17.38 28.10 -20.45
CA SER A 189 16.78 29.50 -20.44
C SER A 189 16.88 30.43 -21.75
N THR A 190 17.03 31.79 -21.70
CA THR A 190 17.31 32.69 -20.53
C THR A 190 16.15 32.78 -19.55
N ALA A 191 16.51 33.07 -18.30
CA ALA A 191 15.56 33.30 -17.23
C ALA A 191 14.31 34.02 -17.80
N GLU A 192 14.50 35.18 -18.45
CA GLU A 192 13.40 35.88 -19.13
C GLU A 192 12.66 34.99 -20.15
N GLN A 193 13.44 34.29 -20.97
CA GLN A 193 12.82 33.50 -22.06
C GLN A 193 12.28 32.11 -21.62
N VAL A 194 12.84 31.63 -20.52
CA VAL A 194 12.17 30.69 -19.62
C VAL A 194 10.92 31.41 -19.12
N SER A 195 11.06 32.44 -18.32
CA SER A 195 9.88 33.08 -17.75
C SER A 195 8.81 33.38 -18.81
N GLU A 196 9.28 33.44 -20.05
CA GLU A 196 8.40 33.61 -21.16
C GLU A 196 7.67 32.36 -21.48
N ALA A 197 8.36 31.22 -21.50
CA ALA A 197 7.69 29.88 -21.55
C ALA A 197 6.56 29.81 -20.59
N LEU A 198 6.87 30.22 -19.37
CA LEU A 198 5.90 30.11 -18.35
C LEU A 198 4.65 30.79 -18.80
N GLY A 199 4.85 32.03 -19.27
CA GLY A 199 3.79 32.89 -19.78
C GLY A 199 2.79 32.10 -20.59
N GLY A 200 3.30 31.23 -21.46
CA GLY A 200 2.38 30.52 -22.35
C GLY A 200 1.60 29.49 -21.57
N LEU A 201 2.36 28.66 -20.85
CA LEU A 201 1.85 27.50 -20.19
C LEU A 201 0.62 27.89 -19.42
N PHE A 202 0.74 29.06 -18.81
CA PHE A 202 -0.36 29.62 -18.09
C PHE A 202 -1.34 30.41 -18.94
N GLY A 203 -0.91 30.95 -20.08
CA GLY A 203 -1.90 31.55 -20.98
C GLY A 203 -2.81 30.41 -21.38
N LEU A 204 -2.13 29.33 -21.82
CA LEU A 204 -2.72 28.00 -22.06
C LEU A 204 -3.69 27.51 -20.98
N LEU A 205 -3.17 27.32 -19.75
CA LEU A 205 -3.95 26.87 -18.60
C LEU A 205 -5.16 27.73 -18.34
N GLY A 206 -4.93 29.00 -18.11
CA GLY A 206 -6.04 29.86 -17.78
C GLY A 206 -7.03 29.70 -18.93
N GLY A 207 -6.47 29.51 -20.15
CA GLY A 207 -7.23 29.42 -21.39
C GLY A 207 -8.32 28.48 -21.00
N LEU A 208 -7.84 27.32 -20.61
CA LEU A 208 -8.62 26.19 -20.33
C LEU A 208 -9.34 26.46 -19.02
N VAL A 209 -8.66 27.02 -18.03
CA VAL A 209 -9.28 27.15 -16.69
C VAL A 209 -10.59 27.92 -16.76
N ALA A 210 -10.57 28.92 -17.62
CA ALA A 210 -11.75 29.70 -17.96
C ALA A 210 -12.72 28.94 -18.87
N GLU A 211 -12.16 28.13 -19.77
CA GLU A 211 -12.98 27.49 -20.79
C GLU A 211 -13.86 26.40 -20.23
N ARG A 212 -13.36 25.67 -19.23
CA ARG A 212 -14.16 24.61 -18.64
C ARG A 212 -15.08 25.16 -17.57
N ARG A 213 -14.91 26.41 -17.14
CA ARG A 213 -16.01 27.00 -16.39
C ARG A 213 -17.22 26.94 -17.32
N GLU A 214 -17.05 27.32 -18.58
CA GLU A 214 -18.16 27.43 -19.56
C GLU A 214 -18.80 26.15 -20.12
N GLU A 215 -18.03 25.36 -20.90
CA GLU A 215 -18.40 23.99 -21.38
C GLU A 215 -17.37 23.13 -20.65
N PRO A 216 -17.72 22.60 -19.46
CA PRO A 216 -16.76 21.81 -18.73
C PRO A 216 -16.75 20.40 -19.27
N ARG A 217 -15.58 19.90 -19.69
CA ARG A 217 -15.46 18.49 -20.14
C ARG A 217 -15.31 17.65 -18.87
N ASP A 218 -14.81 16.43 -18.97
CA ASP A 218 -14.76 15.61 -17.79
C ASP A 218 -13.35 15.12 -17.53
N ASP A 219 -12.40 16.06 -17.53
CA ASP A 219 -10.89 15.89 -17.39
C ASP A 219 -10.35 16.49 -16.11
N LEU A 220 -9.10 16.90 -16.09
CA LEU A 220 -8.60 17.33 -14.75
C LEU A 220 -8.89 18.80 -14.39
N ILE A 221 -8.58 19.76 -15.29
CA ILE A 221 -9.20 21.13 -15.24
C ILE A 221 -10.72 21.06 -15.00
N SER A 222 -11.41 20.12 -15.62
CA SER A 222 -12.82 19.99 -15.46
C SER A 222 -13.11 19.64 -14.02
N LYS A 223 -12.56 18.55 -13.55
CA LYS A 223 -12.78 18.21 -12.19
C LYS A 223 -12.42 19.45 -11.34
N LEU A 224 -11.23 20.03 -11.45
CA LEU A 224 -10.80 21.01 -10.45
C LEU A 224 -11.66 22.24 -10.46
N VAL A 225 -12.09 22.64 -11.65
CA VAL A 225 -12.92 23.84 -11.80
C VAL A 225 -14.29 23.79 -11.23
N THR A 226 -15.03 22.72 -11.50
CA THR A 226 -16.47 22.78 -11.32
C THR A 226 -16.89 22.36 -9.95
N ASP A 227 -16.47 21.17 -9.59
CA ASP A 227 -16.63 20.68 -8.23
C ASP A 227 -15.86 21.58 -7.19
N HIS A 228 -14.57 21.79 -7.38
CA HIS A 228 -13.89 22.52 -6.35
C HIS A 228 -13.89 23.92 -6.63
N LEU A 229 -13.23 24.32 -7.73
CA LEU A 229 -12.99 25.78 -7.98
C LEU A 229 -14.07 26.78 -7.78
N VAL A 230 -15.06 26.69 -8.65
CA VAL A 230 -16.07 27.72 -8.87
C VAL A 230 -16.95 27.87 -7.64
N PRO A 231 -17.18 26.78 -6.91
CA PRO A 231 -17.85 26.92 -5.63
C PRO A 231 -17.06 26.73 -4.36
N GLY A 232 -15.80 26.30 -4.42
CA GLY A 232 -14.99 26.09 -3.18
C GLY A 232 -13.84 27.07 -2.94
N ASN A 233 -12.75 26.56 -2.33
CA ASN A 233 -11.57 27.36 -2.09
C ASN A 233 -10.72 27.14 -3.29
N VAL A 234 -11.44 26.99 -4.36
CA VAL A 234 -10.81 27.06 -5.62
C VAL A 234 -10.68 28.55 -5.88
N THR A 235 -9.44 29.00 -5.78
CA THR A 235 -9.06 30.38 -6.02
C THR A 235 -8.11 30.31 -7.19
N THR A 236 -8.54 30.86 -8.30
CA THR A 236 -7.82 30.65 -9.57
C THR A 236 -6.37 31.05 -9.56
N GLU A 237 -5.92 31.67 -8.45
CA GLU A 237 -4.50 31.72 -8.06
C GLU A 237 -4.12 30.27 -7.88
N GLN A 238 -4.84 29.59 -7.01
CA GLN A 238 -4.52 28.24 -6.53
C GLN A 238 -4.55 27.03 -7.48
N LEU A 239 -5.44 27.14 -8.43
CA LEU A 239 -5.50 26.06 -9.36
C LEU A 239 -4.17 25.93 -10.08
N LEU A 240 -3.86 27.02 -10.80
CA LEU A 240 -2.74 27.05 -11.72
C LEU A 240 -1.55 26.63 -10.96
N SER A 241 -1.45 27.10 -9.74
CA SER A 241 -0.42 26.63 -8.87
C SER A 241 -0.29 25.12 -9.07
N THR A 242 -1.39 24.37 -8.79
CA THR A 242 -1.34 22.93 -8.49
C THR A 242 -1.17 22.27 -9.78
N LEU A 243 -1.89 22.76 -10.80
CA LEU A 243 -1.77 22.32 -12.18
C LEU A 243 -0.33 22.41 -12.53
N GLY A 244 0.34 23.48 -12.07
CA GLY A 244 1.77 23.59 -12.10
C GLY A 244 2.44 22.37 -11.46
N ILE A 245 2.12 22.18 -10.18
CA ILE A 245 2.72 21.10 -9.35
C ILE A 245 2.33 19.71 -9.90
N THR A 246 1.20 19.69 -10.57
CA THR A 246 0.71 18.50 -11.24
C THR A 246 1.60 18.13 -12.42
N ILE A 247 1.99 19.12 -13.28
CA ILE A 247 2.69 18.66 -14.48
C ILE A 247 4.07 18.27 -14.02
N ASN A 248 4.37 18.71 -12.84
CA ASN A 248 5.73 18.58 -12.44
C ASN A 248 5.94 17.28 -11.74
N ALA A 249 4.83 16.63 -11.56
CA ALA A 249 4.88 15.31 -11.03
C ALA A 249 5.47 14.38 -12.09
N GLY A 250 4.93 14.51 -13.30
CA GLY A 250 4.99 13.46 -14.31
C GLY A 250 5.96 13.53 -15.43
N ARG A 251 6.17 14.72 -16.00
CA ARG A 251 7.13 14.90 -17.12
C ARG A 251 8.49 14.31 -16.84
N GLU A 252 9.18 14.78 -15.81
CA GLU A 252 10.44 14.23 -15.48
C GLU A 252 10.35 12.75 -14.91
N THR A 253 9.42 12.45 -14.00
CA THR A 253 9.61 11.24 -13.16
C THR A 253 9.30 9.97 -14.01
N THR A 254 8.40 10.08 -15.00
CA THR A 254 7.98 8.85 -15.61
C THR A 254 8.92 8.67 -16.70
N THR A 255 9.06 9.73 -17.51
CA THR A 255 9.99 9.77 -18.64
C THR A 255 11.27 9.04 -18.25
N SER A 256 11.78 9.43 -17.11
CA SER A 256 12.67 8.59 -16.36
C SER A 256 12.40 7.02 -16.38
N MET A 257 11.25 6.62 -15.76
CA MET A 257 10.92 5.27 -15.50
C MET A 257 10.72 4.63 -16.80
N ILE A 258 10.15 5.32 -17.81
CA ILE A 258 10.00 4.72 -19.15
C ILE A 258 11.36 4.35 -19.79
N ALA A 259 12.26 5.34 -19.92
CA ALA A 259 13.40 5.18 -20.83
C ALA A 259 14.45 4.31 -20.17
N LEU A 260 14.56 4.42 -18.87
CA LEU A 260 15.32 3.38 -18.16
C LEU A 260 14.71 2.01 -18.32
N SER A 261 13.38 1.89 -18.04
CA SER A 261 12.69 0.55 -18.03
C SER A 261 13.07 -0.02 -19.30
N THR A 262 13.09 0.81 -20.36
CA THR A 262 13.32 0.38 -21.72
C THR A 262 14.72 -0.10 -21.81
N LEU A 263 15.64 0.79 -21.61
CA LEU A 263 17.02 0.36 -21.63
C LEU A 263 17.31 -0.94 -20.86
N LEU A 264 16.52 -1.25 -19.86
CA LEU A 264 16.79 -2.51 -19.17
C LEU A 264 16.51 -3.62 -20.15
N LEU A 265 15.23 -3.58 -20.57
CA LEU A 265 14.61 -4.57 -21.38
C LEU A 265 15.56 -4.69 -22.54
N LEU A 266 15.85 -3.51 -23.08
CA LEU A 266 16.58 -3.35 -24.30
C LEU A 266 17.90 -4.05 -24.23
N ASP A 267 18.62 -4.03 -23.12
CA ASP A 267 19.85 -4.77 -23.29
C ASP A 267 19.88 -6.17 -22.68
N ARG A 268 18.88 -6.56 -21.89
CA ARG A 268 18.74 -7.95 -21.41
C ARG A 268 17.61 -8.78 -22.07
N PRO A 269 17.74 -9.14 -23.35
CA PRO A 269 16.74 -9.92 -24.11
C PRO A 269 15.80 -10.95 -23.39
N GLU A 270 16.32 -11.65 -22.37
CA GLU A 270 15.47 -12.59 -21.61
C GLU A 270 14.13 -11.95 -21.23
N LEU A 271 14.22 -10.67 -20.89
CA LEU A 271 13.14 -9.80 -20.34
C LEU A 271 12.01 -9.50 -21.39
N PRO A 272 12.34 -8.79 -22.47
CA PRO A 272 11.36 -8.91 -23.55
C PRO A 272 10.71 -10.36 -23.63
N ALA A 273 11.55 -11.40 -23.43
CA ALA A 273 11.22 -12.79 -23.78
C ALA A 273 9.96 -13.15 -23.13
N GLU A 274 10.00 -13.02 -21.81
CA GLU A 274 8.97 -13.57 -20.96
C GLU A 274 7.73 -12.76 -21.31
N LEU A 275 8.00 -11.53 -21.73
CA LEU A 275 7.00 -10.51 -21.73
C LEU A 275 6.21 -10.68 -23.03
N ARG A 276 6.94 -11.16 -24.07
CA ARG A 276 6.32 -11.74 -25.29
C ARG A 276 5.57 -13.17 -25.26
N LYS A 277 6.17 -14.22 -24.69
CA LYS A 277 5.48 -15.54 -24.49
C LYS A 277 4.14 -15.21 -24.07
N ASP A 278 3.99 -14.55 -22.94
CA ASP A 278 2.63 -14.03 -22.71
C ASP A 278 2.59 -12.60 -22.27
N PRO A 279 2.09 -11.70 -23.12
CA PRO A 279 1.98 -10.25 -22.83
C PRO A 279 0.91 -9.83 -21.84
N ASP A 280 0.78 -10.56 -20.72
CA ASP A 280 -0.24 -10.33 -19.67
C ASP A 280 0.69 -10.04 -18.54
N LEU A 281 1.78 -9.33 -18.83
CA LEU A 281 2.74 -9.29 -17.87
C LEU A 281 2.95 -7.92 -17.53
N MET A 282 3.16 -7.07 -18.54
CA MET A 282 3.76 -5.84 -18.18
C MET A 282 3.07 -5.30 -16.89
N PRO A 283 1.71 -5.34 -16.76
CA PRO A 283 1.25 -5.07 -15.36
C PRO A 283 2.21 -5.58 -14.22
N ALA A 284 2.36 -6.86 -14.02
CA ALA A 284 3.29 -7.37 -13.06
C ALA A 284 4.67 -6.69 -13.34
N ALA A 285 5.19 -6.77 -14.58
CA ALA A 285 6.40 -6.03 -15.03
C ALA A 285 6.64 -4.59 -14.63
N VAL A 286 5.63 -3.76 -14.86
CA VAL A 286 5.66 -2.39 -14.56
C VAL A 286 5.77 -2.22 -13.05
N ASP A 287 4.85 -2.75 -12.24
CA ASP A 287 5.12 -2.87 -10.77
C ASP A 287 6.63 -3.27 -10.48
N GLU A 288 7.06 -4.40 -11.06
CA GLU A 288 8.41 -4.97 -10.88
C GLU A 288 9.61 -4.08 -11.27
N LEU A 289 9.76 -3.69 -12.53
CA LEU A 289 10.48 -2.47 -12.87
C LEU A 289 10.28 -1.30 -11.85
N LEU A 290 9.06 -0.76 -11.67
CA LEU A 290 8.99 0.32 -10.72
C LEU A 290 9.76 0.09 -9.46
N ARG A 291 9.58 -1.10 -8.84
CA ARG A 291 10.43 -1.50 -7.65
C ARG A 291 11.97 -1.50 -7.91
N VAL A 292 12.26 -2.35 -8.83
CA VAL A 292 13.59 -2.63 -9.06
C VAL A 292 14.37 -1.40 -9.54
N LEU A 293 13.74 -0.50 -10.34
CA LEU A 293 14.36 0.69 -10.90
C LEU A 293 14.26 1.73 -9.89
N SER A 294 13.16 1.72 -9.20
CA SER A 294 12.94 2.60 -8.08
C SER A 294 13.64 3.99 -8.32
N VAL A 295 13.31 4.70 -9.42
CA VAL A 295 14.03 5.92 -9.76
C VAL A 295 13.52 7.04 -8.95
N ALA A 296 12.43 6.78 -8.29
CA ALA A 296 11.85 7.81 -7.48
C ALA A 296 12.70 8.05 -6.21
N ASP A 297 14.00 7.68 -6.14
CA ASP A 297 14.60 7.29 -4.82
C ASP A 297 14.38 8.13 -3.57
N SER A 298 14.95 9.31 -3.62
CA SER A 298 14.86 10.24 -2.52
C SER A 298 13.49 10.86 -2.62
N ILE A 299 12.70 10.51 -1.63
CA ILE A 299 11.39 11.09 -1.59
C ILE A 299 11.80 12.40 -1.15
N PRO A 300 10.84 13.19 -0.74
CA PRO A 300 11.18 14.41 -0.07
C PRO A 300 12.31 14.13 0.95
N LEU A 301 12.10 14.44 2.19
CA LEU A 301 13.01 14.04 3.22
C LEU A 301 12.13 14.55 4.21
N ARG A 302 12.05 13.80 5.27
CA ARG A 302 11.32 14.39 6.31
C ARG A 302 12.20 14.81 7.50
N VAL A 303 11.88 15.98 8.03
CA VAL A 303 12.35 16.43 9.33
C VAL A 303 11.56 15.60 10.32
N ALA A 304 12.26 15.09 11.32
CA ALA A 304 11.58 14.26 12.27
C ALA A 304 10.88 15.13 13.27
N ALA A 305 9.56 14.96 13.37
CA ALA A 305 8.75 15.77 14.30
C ALA A 305 9.26 15.58 15.68
N GLU A 306 9.52 14.32 16.02
CA GLU A 306 10.08 14.00 17.30
C GLU A 306 11.22 13.02 17.19
N ASP A 307 11.61 12.58 18.37
CA ASP A 307 12.52 11.48 18.55
C ASP A 307 11.69 10.32 18.07
N ILE A 308 12.24 9.42 17.25
CA ILE A 308 11.41 8.26 16.82
C ILE A 308 12.16 6.92 16.66
N GLU A 309 11.74 5.90 17.47
CA GLU A 309 12.31 4.49 17.48
C GLU A 309 12.12 3.71 16.21
N LEU A 310 13.18 3.05 15.75
CA LEU A 310 13.15 2.42 14.45
C LEU A 310 14.28 1.42 14.37
N SER A 311 13.97 0.12 14.44
CA SER A 311 15.04 -0.84 14.77
C SER A 311 15.79 -0.23 15.95
N GLY A 312 15.02 0.29 16.92
CA GLY A 312 15.59 1.02 18.08
C GLY A 312 16.40 2.31 18.04
N ARG A 313 17.33 2.44 17.06
CA ARG A 313 18.11 3.70 16.84
C ARG A 313 17.07 4.80 16.59
N THR A 314 16.94 5.74 17.52
CA THR A 314 15.81 6.70 17.43
C THR A 314 16.29 7.94 16.73
N VAL A 315 15.41 8.57 15.96
CA VAL A 315 15.81 9.75 15.18
C VAL A 315 15.43 11.12 15.80
N PRO A 316 16.47 11.97 16.10
CA PRO A 316 16.38 13.12 17.02
C PRO A 316 15.23 14.06 16.71
N ALA A 317 14.63 14.69 17.71
CA ALA A 317 13.56 15.67 17.46
C ALA A 317 14.07 16.87 16.70
N ASP A 318 13.31 17.24 15.68
CA ASP A 318 13.78 18.16 14.64
C ASP A 318 15.13 17.83 13.88
N ASP A 319 15.22 16.67 13.21
CA ASP A 319 16.34 16.34 12.30
C ASP A 319 15.93 15.95 10.86
N GLY A 320 16.86 16.09 9.91
CA GLY A 320 16.65 15.56 8.58
C GLY A 320 16.67 14.04 8.41
N VAL A 321 15.56 13.48 7.88
CA VAL A 321 15.47 12.02 7.60
C VAL A 321 14.71 11.78 6.34
N ILE A 322 15.47 11.32 5.32
CA ILE A 322 14.94 10.85 4.01
C ILE A 322 14.78 9.33 4.17
N ALA A 323 14.16 8.66 3.17
CA ALA A 323 13.83 7.24 3.29
C ALA A 323 14.18 6.62 2.02
N LEU A 324 15.32 5.96 1.93
CA LEU A 324 15.71 5.69 0.59
C LEU A 324 14.76 4.70 -0.07
N LEU A 325 13.94 5.14 -1.04
CA LEU A 325 13.05 4.19 -1.71
C LEU A 325 13.80 2.89 -2.20
N ALA A 326 14.87 3.04 -3.00
CA ALA A 326 15.71 1.87 -3.41
C ALA A 326 16.13 0.97 -2.24
N GLY A 327 16.86 1.57 -1.34
CA GLY A 327 17.41 0.77 -0.26
C GLY A 327 16.34 -0.15 0.27
N ALA A 328 15.14 0.42 0.38
CA ALA A 328 14.04 -0.33 0.92
C ALA A 328 13.46 -1.26 -0.07
N ASN A 329 13.61 -0.91 -1.36
CA ASN A 329 12.97 -1.66 -2.42
C ASN A 329 13.77 -2.87 -2.62
N HIS A 330 15.08 -2.80 -2.39
CA HIS A 330 15.88 -4.08 -2.43
C HIS A 330 16.16 -4.74 -1.10
N ASP A 331 15.41 -4.44 -0.04
CA ASP A 331 15.59 -5.16 1.22
C ASP A 331 14.99 -6.60 1.23
N PRO A 332 15.86 -7.63 1.42
CA PRO A 332 15.30 -8.97 1.62
C PRO A 332 14.12 -9.21 2.67
N GLU A 333 14.08 -8.51 3.79
CA GLU A 333 12.86 -8.49 4.71
C GLU A 333 11.44 -8.31 3.98
N GLN A 334 11.51 -7.77 2.72
CA GLN A 334 10.39 -7.41 1.78
C GLN A 334 10.19 -8.58 0.91
N PHE A 335 11.26 -9.04 0.23
CA PHE A 335 11.17 -10.15 -0.76
C PHE A 335 12.54 -10.58 -1.15
N ASP A 336 12.66 -11.93 -1.21
CA ASP A 336 13.85 -12.64 -1.62
C ASP A 336 14.55 -12.21 -2.92
N ASP A 337 15.88 -12.27 -2.93
CA ASP A 337 16.67 -12.04 -4.17
C ASP A 337 16.27 -10.71 -4.83
N PRO A 338 16.51 -9.57 -4.17
CA PRO A 338 15.93 -8.34 -4.78
C PRO A 338 16.56 -7.74 -6.12
N GLU A 339 17.80 -8.11 -6.41
CA GLU A 339 18.47 -7.74 -7.66
C GLU A 339 17.85 -8.33 -8.88
N ARG A 340 17.22 -9.50 -8.71
CA ARG A 340 16.72 -10.31 -9.83
C ARG A 340 15.40 -9.71 -10.36
N VAL A 341 15.39 -9.40 -11.66
CA VAL A 341 14.22 -8.72 -12.15
C VAL A 341 13.10 -9.65 -12.36
N ASP A 342 13.07 -10.72 -11.59
CA ASP A 342 11.99 -11.72 -11.71
C ASP A 342 10.58 -11.07 -11.72
N PHE A 343 9.70 -11.48 -12.64
CA PHE A 343 8.38 -10.88 -12.90
C PHE A 343 7.28 -11.63 -12.29
N HIS A 344 7.53 -12.86 -11.87
CA HIS A 344 6.55 -13.69 -11.25
C HIS A 344 6.95 -13.84 -9.80
N ARG A 345 7.07 -12.67 -9.15
CA ARG A 345 7.16 -12.60 -7.70
C ARG A 345 5.80 -12.79 -7.04
N THR A 346 5.69 -13.48 -5.89
CA THR A 346 4.41 -13.39 -5.10
C THR A 346 4.20 -11.96 -4.66
N ASP A 347 5.30 -11.40 -4.21
CA ASP A 347 5.25 -10.37 -3.23
C ASP A 347 6.08 -9.09 -3.27
N ASN A 348 5.45 -8.01 -3.67
CA ASN A 348 6.15 -6.90 -4.26
C ASN A 348 5.18 -5.77 -3.98
N HIS A 349 4.85 -5.61 -2.71
CA HIS A 349 4.22 -4.37 -2.25
C HIS A 349 5.39 -3.47 -2.21
N HIS A 350 5.79 -2.98 -3.35
CA HIS A 350 6.99 -2.15 -3.36
C HIS A 350 6.52 -0.80 -2.92
N VAL A 351 7.36 0.23 -3.10
CA VAL A 351 6.84 1.58 -2.92
C VAL A 351 7.67 2.47 -3.76
N ALA A 352 7.90 2.17 -5.04
CA ALA A 352 8.78 3.10 -5.81
C ALA A 352 8.00 4.35 -5.83
N PHE A 353 6.70 4.16 -5.60
CA PHE A 353 5.82 5.26 -5.42
C PHE A 353 5.93 5.61 -4.01
N GLY A 354 5.00 6.41 -3.47
CA GLY A 354 5.19 6.84 -2.02
C GLY A 354 4.80 5.89 -0.90
N TYR A 355 5.07 6.15 0.37
CA TYR A 355 4.18 5.59 1.37
C TYR A 355 3.46 6.67 2.20
N GLY A 356 2.25 6.44 2.58
CA GLY A 356 1.72 7.38 3.53
C GLY A 356 1.53 8.82 3.09
N VAL A 357 0.27 9.10 2.69
CA VAL A 357 -0.45 10.42 2.66
C VAL A 357 0.34 11.39 1.89
N HIS A 358 1.33 10.82 1.24
CA HIS A 358 2.20 11.58 0.48
C HIS A 358 2.37 10.80 -0.76
N GLN A 359 2.06 9.49 -0.66
CA GLN A 359 2.37 8.50 -1.74
C GLN A 359 1.95 9.05 -3.08
N CYS A 360 2.57 8.47 -4.14
CA CYS A 360 2.46 9.10 -5.46
C CYS A 360 0.95 9.06 -5.83
N VAL A 361 0.12 10.08 -5.55
CA VAL A 361 -1.27 10.06 -6.07
C VAL A 361 -1.37 9.55 -7.53
N GLY A 362 -0.28 9.85 -8.27
CA GLY A 362 -0.11 9.86 -9.69
C GLY A 362 -0.09 8.51 -10.30
N GLN A 363 0.19 7.53 -9.48
CA GLN A 363 0.76 6.24 -9.95
C GLN A 363 -0.18 5.37 -10.73
N HIS A 364 -1.49 5.67 -10.64
CA HIS A 364 -2.44 4.90 -11.47
C HIS A 364 -2.29 5.21 -12.91
N LEU A 365 -2.10 6.49 -13.12
CA LEU A 365 -1.50 6.85 -14.33
C LEU A 365 -0.14 6.23 -14.58
N ALA A 366 0.79 6.51 -13.73
CA ALA A 366 2.12 6.07 -13.91
C ALA A 366 2.20 4.56 -14.28
N ARG A 367 1.15 3.80 -13.96
CA ARG A 367 1.05 2.54 -14.62
C ARG A 367 0.54 2.53 -16.09
N LEU A 368 -0.55 3.21 -16.45
CA LEU A 368 -0.98 3.05 -17.86
C LEU A 368 0.03 3.74 -18.68
N GLU A 369 0.49 4.94 -18.27
CA GLU A 369 1.68 5.58 -18.85
C GLU A 369 2.60 4.41 -19.16
N LEU A 370 2.92 3.67 -18.11
CA LEU A 370 4.08 2.81 -18.22
C LEU A 370 3.94 1.51 -18.99
N GLU A 371 2.74 1.05 -19.19
CA GLU A 371 2.59 -0.22 -19.83
C GLU A 371 2.32 0.12 -21.22
N VAL A 372 1.12 0.66 -21.55
CA VAL A 372 0.96 1.11 -22.93
C VAL A 372 2.29 1.64 -23.59
N ALA A 373 3.14 2.29 -22.83
CA ALA A 373 4.36 2.73 -23.37
C ALA A 373 5.35 1.54 -23.64
N LEU A 374 5.75 0.82 -22.67
CA LEU A 374 6.58 -0.28 -22.96
C LEU A 374 6.00 -1.44 -23.87
N GLU A 375 4.74 -1.78 -23.59
CA GLU A 375 3.91 -2.74 -24.27
C GLU A 375 4.08 -2.74 -25.82
N THR A 376 3.62 -1.61 -26.37
CA THR A 376 3.70 -1.14 -27.72
C THR A 376 5.08 -0.96 -28.23
N LEU A 377 6.01 -0.41 -27.47
CA LEU A 377 7.37 -0.34 -28.00
C LEU A 377 7.75 -1.67 -28.51
N LEU A 378 7.41 -2.73 -27.81
CA LEU A 378 7.90 -4.08 -28.25
C LEU A 378 6.89 -4.83 -29.03
N ARG A 379 5.69 -4.24 -29.19
CA ARG A 379 4.72 -4.75 -30.16
C ARG A 379 5.16 -4.19 -31.53
N ARG A 380 5.01 -2.88 -31.66
CA ARG A 380 5.11 -2.29 -32.96
C ARG A 380 6.56 -2.09 -33.33
N VAL A 381 7.51 -2.20 -32.42
CA VAL A 381 8.81 -1.77 -32.94
C VAL A 381 9.85 -2.73 -32.52
N PRO A 382 9.45 -4.01 -32.58
CA PRO A 382 10.21 -5.02 -31.82
C PRO A 382 11.60 -4.91 -32.32
N THR A 383 12.47 -4.86 -31.32
CA THR A 383 13.90 -4.90 -31.54
C THR A 383 14.25 -3.88 -32.66
N LEU A 384 13.98 -2.70 -32.14
CA LEU A 384 14.84 -1.56 -32.12
C LEU A 384 16.05 -1.96 -31.35
N ARG A 385 17.14 -1.35 -31.63
CA ARG A 385 18.19 -1.41 -30.68
C ARG A 385 18.88 -0.10 -30.47
N LEU A 386 19.72 -0.08 -29.47
CA LEU A 386 20.60 1.03 -29.17
C LEU A 386 21.20 1.49 -30.44
N ALA A 387 21.11 2.76 -30.77
CA ALA A 387 22.09 3.19 -31.70
C ALA A 387 23.47 3.24 -31.01
N GLY A 388 23.56 3.68 -29.74
CA GLY A 388 24.83 4.18 -29.17
C GLY A 388 25.85 3.09 -28.95
N GLU A 389 26.22 2.96 -27.69
CA GLU A 389 26.87 1.76 -27.24
C GLU A 389 26.79 1.83 -25.70
N ARG A 390 26.88 0.69 -25.02
CA ARG A 390 26.96 0.73 -23.54
C ARG A 390 27.88 1.89 -23.06
N ASP A 391 29.00 2.02 -23.76
CA ASP A 391 29.99 3.02 -23.44
C ASP A 391 29.88 4.47 -23.82
N GLN A 392 28.66 4.86 -24.17
CA GLN A 392 28.30 6.24 -24.45
C GLN A 392 26.87 6.43 -24.13
N VAL A 393 26.28 5.47 -23.45
CA VAL A 393 25.00 5.78 -22.87
C VAL A 393 25.32 6.63 -21.62
N VAL A 394 24.40 7.50 -21.26
CA VAL A 394 24.68 8.53 -20.28
C VAL A 394 23.45 8.78 -19.45
N VAL A 395 23.60 8.72 -18.13
CA VAL A 395 22.51 8.72 -17.13
C VAL A 395 22.51 10.02 -16.35
N LYS A 396 21.35 10.65 -16.22
CA LYS A 396 21.19 12.09 -15.97
C LYS A 396 21.70 12.58 -14.61
N HIS A 397 21.32 11.93 -13.50
CA HIS A 397 21.82 12.33 -12.13
C HIS A 397 21.66 13.75 -11.58
N ASP A 398 20.92 14.63 -12.27
CA ASP A 398 20.85 16.05 -11.99
C ASP A 398 19.73 16.18 -10.97
N SER A 399 18.52 15.70 -11.27
CA SER A 399 17.52 15.66 -10.20
C SER A 399 17.68 14.43 -9.39
N ALA A 400 17.06 14.42 -8.21
CA ALA A 400 17.07 13.22 -7.30
C ALA A 400 16.23 12.10 -7.91
N THR A 401 15.14 12.53 -8.52
CA THR A 401 14.44 11.62 -9.37
C THR A 401 15.24 11.37 -10.67
N PHE A 402 15.48 10.08 -10.89
CA PHE A 402 16.70 9.52 -11.41
C PHE A 402 17.07 9.47 -12.92
N GLY A 403 16.30 8.75 -13.74
CA GLY A 403 16.37 8.87 -15.26
C GLY A 403 17.70 8.73 -16.06
N LEU A 404 17.76 9.28 -17.28
CA LEU A 404 18.90 9.13 -18.22
C LEU A 404 19.00 10.27 -19.17
N GLU A 405 20.18 10.82 -19.44
CA GLU A 405 20.09 11.98 -20.30
C GLU A 405 19.78 11.64 -21.74
N GLU A 406 20.56 10.75 -22.34
CA GLU A 406 20.38 10.48 -23.77
C GLU A 406 20.41 8.97 -23.94
N LEU A 407 19.38 8.50 -24.66
CA LEU A 407 19.29 7.10 -25.16
C LEU A 407 18.98 7.06 -26.63
N MET A 408 19.88 6.35 -27.31
CA MET A 408 20.08 6.40 -28.73
C MET A 408 19.73 5.06 -29.35
N VAL A 409 18.73 5.04 -30.26
CA VAL A 409 18.20 3.81 -30.89
C VAL A 409 17.71 3.91 -32.37
N THR A 410 17.45 2.71 -32.95
CA THR A 410 17.05 2.39 -34.35
C THR A 410 16.44 0.95 -34.43
N TRP A 411 15.97 0.51 -35.62
CA TRP A 411 15.14 -0.71 -35.81
C TRP A 411 15.15 -1.26 -37.21
N PRO B 18 -28.97 8.75 12.67
CA PRO B 18 -28.56 7.98 13.84
C PRO B 18 -28.57 6.42 13.78
N ARG B 19 -28.53 5.75 12.63
CA ARG B 19 -28.55 4.24 12.71
C ARG B 19 -27.22 3.52 13.09
N ASP B 20 -27.34 2.37 13.74
CA ASP B 20 -26.22 1.70 14.39
C ASP B 20 -25.26 0.94 13.41
N PHE B 21 -24.47 0.01 13.95
CA PHE B 21 -23.73 -0.97 13.13
C PHE B 21 -24.80 -1.77 12.41
N PRO B 22 -25.03 -1.53 11.09
CA PRO B 22 -26.18 -2.05 10.29
C PRO B 22 -26.17 -3.59 9.93
N ILE B 23 -26.76 -4.00 8.80
CA ILE B 23 -26.51 -5.33 8.16
C ILE B 23 -27.31 -6.52 8.70
N PHE B 29 -25.24 -10.65 4.20
CA PHE B 29 -24.89 -12.04 3.90
C PHE B 29 -23.46 -12.13 3.32
N ALA B 30 -23.27 -11.82 2.02
CA ALA B 30 -21.93 -11.58 1.29
C ALA B 30 -21.39 -10.32 1.78
N ALA B 31 -22.14 -9.22 1.62
CA ALA B 31 -21.85 -7.82 2.15
C ALA B 31 -23.09 -7.20 2.86
N PRO B 32 -23.17 -5.83 3.02
CA PRO B 32 -24.41 -5.07 3.43
C PRO B 32 -24.92 -3.98 2.45
N ALA B 33 -26.23 -3.75 2.43
CA ALA B 33 -26.91 -2.85 1.43
C ALA B 33 -27.36 -1.50 1.95
N GLU B 34 -27.69 -1.43 3.23
CA GLU B 34 -27.77 -0.13 3.87
C GLU B 34 -26.56 0.77 3.37
N TYR B 35 -25.42 0.13 3.10
CA TYR B 35 -24.15 0.83 2.88
C TYR B 35 -24.02 1.79 1.74
N ALA B 36 -24.12 1.28 0.52
CA ALA B 36 -23.94 2.15 -0.65
C ALA B 36 -24.78 3.43 -0.49
N ALA B 37 -25.93 3.34 0.20
CA ALA B 37 -26.62 4.54 0.70
C ALA B 37 -25.59 5.51 1.33
N LEU B 38 -24.95 5.00 2.38
CA LEU B 38 -23.95 5.69 3.17
C LEU B 38 -22.84 6.23 2.36
N ARG B 39 -22.23 5.32 1.63
CA ARG B 39 -21.14 5.71 0.78
C ARG B 39 -21.58 6.76 -0.28
N THR B 40 -22.65 6.46 -1.02
CA THR B 40 -23.10 7.28 -2.15
C THR B 40 -23.54 8.67 -1.71
N ASP B 41 -24.47 8.67 -0.76
CA ASP B 41 -25.20 9.88 -0.35
C ASP B 41 -24.45 10.69 0.72
N ASP B 42 -24.24 10.01 1.85
CA ASP B 42 -23.62 10.56 3.05
C ASP B 42 -22.31 9.81 3.30
N PRO B 43 -21.23 10.24 2.66
CA PRO B 43 -19.90 9.58 2.68
C PRO B 43 -19.36 9.40 4.10
N VAL B 44 -19.74 10.32 4.98
CA VAL B 44 -19.44 10.37 6.44
C VAL B 44 -20.75 10.57 7.23
N ALA B 45 -21.40 9.47 7.60
CA ALA B 45 -22.74 9.57 8.15
C ALA B 45 -22.75 9.45 9.65
N ARG B 46 -23.78 10.08 10.29
CA ARG B 46 -24.04 10.05 11.77
C ARG B 46 -25.03 8.99 12.27
N VAL B 47 -24.58 8.31 13.32
CA VAL B 47 -24.99 6.94 13.65
C VAL B 47 -24.97 6.72 15.16
N THR B 48 -26.14 6.37 15.72
CA THR B 48 -26.29 6.08 17.16
C THR B 48 -26.02 4.63 17.47
N LEU B 49 -24.80 4.45 17.94
CA LEU B 49 -24.12 3.21 17.82
C LEU B 49 -24.50 2.35 19.01
N PRO B 50 -24.87 1.09 18.75
CA PRO B 50 -25.32 0.07 19.69
C PRO B 50 -25.17 0.36 21.18
N THR B 51 -23.96 0.64 21.62
CA THR B 51 -23.73 0.99 23.01
C THR B 51 -24.13 2.46 23.25
N ARG B 52 -25.12 2.96 22.50
CA ARG B 52 -25.87 4.22 22.78
C ARG B 52 -25.10 5.59 22.89
N ARG B 53 -24.51 6.02 21.79
CA ARG B 53 -23.61 7.18 21.80
C ARG B 53 -23.54 7.67 20.39
N GLU B 54 -23.29 8.96 20.25
CA GLU B 54 -23.42 9.65 18.97
C GLU B 54 -22.07 9.83 18.25
N ALA B 55 -21.97 9.29 17.03
CA ALA B 55 -20.67 9.16 16.30
C ALA B 55 -20.79 9.12 14.77
N TRP B 56 -19.64 9.30 14.09
CA TRP B 56 -19.58 9.33 12.62
C TRP B 56 -18.90 8.16 11.99
N VAL B 57 -19.38 7.84 10.81
CA VAL B 57 -18.82 6.74 10.12
C VAL B 57 -18.64 6.84 8.57
N VAL B 58 -17.48 6.36 8.11
CA VAL B 58 -17.03 6.60 6.71
C VAL B 58 -16.94 5.35 5.85
N THR B 59 -17.57 5.39 4.69
CA THR B 59 -17.63 4.26 3.81
C THR B 59 -16.85 4.32 2.43
N ARG B 60 -16.86 5.49 1.77
CA ARG B 60 -16.17 5.65 0.49
C ARG B 60 -14.73 5.16 0.60
N TYR B 61 -14.26 4.32 -0.32
CA TYR B 61 -12.85 3.96 -0.39
C TYR B 61 -11.85 5.04 -0.08
N ASP B 62 -11.73 6.07 -0.93
CA ASP B 62 -10.58 6.94 -0.77
C ASP B 62 -10.61 7.75 0.51
N ASP B 63 -11.78 8.30 0.82
CA ASP B 63 -12.09 8.85 2.13
C ASP B 63 -11.46 8.05 3.28
N VAL B 64 -11.96 6.83 3.45
CA VAL B 64 -11.57 5.89 4.51
C VAL B 64 -10.07 5.58 4.59
N ARG B 65 -9.54 5.37 3.39
CA ARG B 65 -8.12 5.12 3.16
C ARG B 65 -7.25 6.30 3.75
N GLU B 66 -7.63 7.55 3.40
CA GLU B 66 -7.05 8.83 3.92
C GLU B 66 -7.23 9.11 5.39
N LEU B 67 -8.53 8.97 5.75
CA LEU B 67 -9.06 8.97 7.10
C LEU B 67 -8.11 8.27 7.95
N LEU B 68 -7.91 6.96 7.82
CA LEU B 68 -6.91 6.27 8.66
C LEU B 68 -5.60 6.98 8.69
N SER B 69 -5.15 7.35 7.50
CA SER B 69 -3.78 7.77 7.37
C SER B 69 -3.45 9.02 8.12
N ASP B 70 -4.41 9.93 8.12
CA ASP B 70 -4.25 11.33 8.55
C ASP B 70 -3.93 11.37 10.02
N PRO B 71 -2.83 12.05 10.38
CA PRO B 71 -2.50 12.00 11.84
C PRO B 71 -3.48 12.78 12.69
N ARG B 72 -4.54 13.29 12.05
CA ARG B 72 -5.64 13.92 12.71
C ARG B 72 -6.61 12.80 13.01
N VAL B 73 -6.10 11.69 13.52
CA VAL B 73 -6.92 10.51 13.74
C VAL B 73 -6.33 9.85 14.94
N SER B 74 -7.14 9.51 15.93
CA SER B 74 -6.56 8.80 17.00
C SER B 74 -7.25 7.59 17.50
N ALA B 75 -6.44 6.70 18.08
CA ALA B 75 -6.88 5.38 18.39
C ALA B 75 -6.75 5.04 19.87
N ASP B 76 -6.09 5.89 20.64
CA ASP B 76 -6.17 5.86 22.12
C ASP B 76 -7.61 5.96 22.69
N ILE B 77 -7.93 5.46 23.89
CA ILE B 77 -9.28 5.79 24.43
C ILE B 77 -9.43 7.25 25.00
N ARG B 78 -10.19 8.09 24.29
CA ARG B 78 -10.39 9.52 24.62
C ARG B 78 -11.73 9.81 25.28
N ARG B 79 -12.78 9.97 24.45
CA ARG B 79 -14.20 9.75 24.77
C ARG B 79 -14.73 9.58 23.34
N PRO B 80 -14.44 8.40 22.71
CA PRO B 80 -14.52 8.21 21.28
C PRO B 80 -15.74 7.45 20.79
N GLY B 81 -15.50 6.38 20.01
CA GLY B 81 -16.56 5.59 19.38
C GLY B 81 -16.28 4.20 19.86
N PHE B 82 -17.31 3.37 19.95
CA PHE B 82 -17.24 1.88 20.03
C PHE B 82 -18.13 1.21 21.05
N ARG B 97 -6.06 0.26 28.41
CA ARG B 97 -4.61 0.20 28.59
C ARG B 97 -3.90 -0.85 27.66
N PRO B 98 -4.49 -1.11 26.41
CA PRO B 98 -3.98 -2.12 25.48
C PRO B 98 -3.03 -1.48 24.49
N PHE B 99 -2.74 -2.19 23.42
CA PHE B 99 -1.76 -1.75 22.41
C PHE B 99 -2.15 -0.72 21.42
N ILE B 100 -3.22 -1.07 20.72
CA ILE B 100 -3.97 -0.12 19.98
C ILE B 100 -4.81 0.54 21.00
N ARG B 101 -4.19 1.29 21.87
CA ARG B 101 -4.89 2.34 22.53
C ARG B 101 -4.19 3.62 22.07
N THR B 102 -3.02 3.97 22.59
CA THR B 102 -2.47 5.27 22.17
C THR B 102 -1.48 5.03 21.07
N ASP B 103 -1.24 6.12 20.35
CA ASP B 103 -0.58 6.26 19.09
C ASP B 103 0.81 6.60 19.56
N ALA B 104 1.63 7.19 18.71
CA ALA B 104 2.99 7.36 19.09
C ALA B 104 3.25 7.91 20.48
N PRO B 105 4.41 7.54 21.05
CA PRO B 105 4.87 6.16 20.68
C PRO B 105 4.49 5.31 21.87
N GLU B 106 3.51 5.77 22.64
CA GLU B 106 2.90 4.91 23.62
C GLU B 106 2.83 3.53 22.90
N HIS B 107 2.65 3.60 21.59
CA HIS B 107 2.29 2.44 20.83
C HIS B 107 3.27 2.09 19.83
N THR B 108 3.65 3.07 19.04
CA THR B 108 4.49 2.82 17.90
C THR B 108 5.66 2.08 18.44
N ARG B 109 6.18 2.59 19.55
CA ARG B 109 7.26 1.97 20.27
C ARG B 109 7.07 0.48 20.55
N TYR B 110 5.84 0.10 20.98
CA TYR B 110 5.51 -1.30 21.38
C TYR B 110 5.26 -2.22 20.15
N ARG B 111 4.56 -1.69 19.15
CA ARG B 111 4.37 -2.38 17.87
C ARG B 111 5.62 -2.74 17.02
N ARG B 112 6.59 -1.83 16.94
CA ARG B 112 7.91 -2.03 16.25
C ARG B 112 8.63 -3.28 16.72
N MET B 113 8.13 -3.70 17.87
CA MET B 113 8.67 -4.78 18.70
C MET B 113 8.16 -6.01 18.08
N LEU B 114 6.95 -5.87 17.56
CA LEU B 114 6.16 -6.96 17.00
C LEU B 114 6.58 -7.32 15.57
N LEU B 115 6.69 -6.29 14.74
CA LEU B 115 6.90 -6.36 13.30
C LEU B 115 8.01 -7.20 12.80
N PRO B 116 9.05 -7.39 13.55
CA PRO B 116 10.15 -8.00 12.78
C PRO B 116 9.99 -9.52 12.73
N ALA B 117 8.85 -9.96 13.19
CA ALA B 117 8.55 -11.35 13.31
C ALA B 117 7.44 -11.74 12.34
N PHE B 118 7.00 -10.74 11.53
CA PHE B 118 5.80 -10.79 10.67
C PHE B 118 6.20 -10.46 9.26
N THR B 119 7.51 -10.53 9.00
CA THR B 119 8.02 -10.19 7.67
C THR B 119 7.62 -11.31 6.72
N VAL B 120 7.42 -10.82 5.51
CA VAL B 120 7.12 -11.53 4.29
C VAL B 120 8.03 -12.76 4.24
N ARG B 121 9.36 -12.50 4.16
CA ARG B 121 10.59 -13.35 4.45
C ARG B 121 10.52 -14.41 5.62
N ARG B 122 10.00 -13.99 6.75
CA ARG B 122 10.04 -14.78 7.95
C ARG B 122 8.89 -15.78 7.98
N VAL B 123 7.70 -15.29 7.61
CA VAL B 123 6.40 -16.04 7.68
C VAL B 123 6.42 -17.07 6.61
N ARG B 124 6.82 -16.56 5.47
CA ARG B 124 6.93 -17.35 4.31
C ARG B 124 8.08 -18.45 4.51
N ALA B 125 8.78 -18.36 5.63
CA ALA B 125 9.63 -19.42 6.07
C ALA B 125 8.71 -20.50 6.71
N MET B 126 7.77 -20.12 7.55
CA MET B 126 6.77 -21.13 8.04
C MET B 126 6.06 -22.13 7.01
N ARG B 127 5.91 -21.80 5.71
CA ARG B 127 4.93 -22.54 4.90
C ARG B 127 4.91 -24.01 5.25
N PRO B 128 6.00 -24.77 4.98
CA PRO B 128 6.22 -26.12 5.57
C PRO B 128 5.46 -26.44 6.90
N ALA B 129 6.11 -26.02 7.95
CA ALA B 129 5.55 -25.90 9.26
C ALA B 129 4.03 -25.62 9.19
N VAL B 130 3.60 -24.59 8.48
CA VAL B 130 2.16 -24.36 8.53
C VAL B 130 1.45 -25.53 7.76
N GLN B 131 1.84 -25.73 6.49
CA GLN B 131 1.36 -26.85 5.62
C GLN B 131 1.38 -28.17 6.37
N ALA B 132 2.47 -28.43 7.10
CA ALA B 132 2.63 -29.63 7.97
C ALA B 132 1.60 -29.73 9.02
N ARG B 133 1.51 -28.74 9.87
CA ARG B 133 0.43 -28.74 10.86
C ARG B 133 -1.02 -28.59 10.24
N VAL B 134 -1.16 -28.00 9.06
CA VAL B 134 -2.49 -27.95 8.48
C VAL B 134 -2.94 -29.36 8.03
N ASP B 135 -1.88 -30.07 7.61
CA ASP B 135 -1.88 -31.46 7.21
C ASP B 135 -2.35 -32.27 8.38
N GLU B 136 -1.85 -31.98 9.59
CA GLU B 136 -1.97 -32.87 10.80
C GLU B 136 -3.43 -32.93 11.21
N ILE B 137 -3.99 -31.71 11.22
CA ILE B 137 -5.35 -31.38 11.60
C ILE B 137 -6.29 -32.04 10.64
N LEU B 138 -6.01 -31.90 9.34
CA LEU B 138 -6.97 -32.42 8.39
C LEU B 138 -6.75 -33.81 7.89
N ASP B 139 -5.50 -34.21 7.69
CA ASP B 139 -5.19 -35.63 7.46
C ASP B 139 -6.21 -36.48 8.27
N GLY B 140 -6.27 -36.34 9.60
CA GLY B 140 -7.13 -37.21 10.38
C GLY B 140 -8.59 -36.83 10.48
N MET B 141 -8.85 -35.55 10.58
CA MET B 141 -10.20 -35.16 10.90
C MET B 141 -11.16 -35.61 9.80
N LEU B 142 -10.59 -35.68 8.61
CA LEU B 142 -11.11 -36.49 7.46
C LEU B 142 -11.38 -37.93 7.85
N ALA B 143 -10.35 -38.58 8.42
CA ALA B 143 -10.31 -40.04 8.66
C ALA B 143 -11.43 -40.52 9.62
N ALA B 144 -11.68 -39.76 10.69
CA ALA B 144 -12.75 -40.13 11.59
C ALA B 144 -13.98 -39.20 11.51
N GLY B 145 -14.81 -39.40 10.49
CA GLY B 145 -16.24 -38.93 10.48
C GLY B 145 -16.41 -37.52 10.00
N GLY B 146 -17.65 -37.02 9.86
CA GLY B 146 -18.92 -37.72 9.99
C GLY B 146 -19.80 -37.25 11.15
N PRO B 147 -20.58 -36.15 11.03
CA PRO B 147 -20.52 -34.91 10.30
C PRO B 147 -20.10 -33.84 11.35
N VAL B 148 -18.89 -33.32 11.17
CA VAL B 148 -18.37 -32.21 12.01
C VAL B 148 -18.89 -30.74 11.65
N ASP B 149 -18.58 -29.74 12.48
CA ASP B 149 -18.66 -28.31 12.18
C ASP B 149 -17.19 -27.95 12.03
N LEU B 150 -16.85 -26.96 11.18
CA LEU B 150 -15.44 -26.78 10.79
C LEU B 150 -14.94 -25.46 11.32
N VAL B 151 -15.91 -24.55 11.42
CA VAL B 151 -15.72 -23.29 12.12
C VAL B 151 -15.01 -23.66 13.38
N SER B 152 -15.25 -24.87 13.84
CA SER B 152 -14.69 -25.36 15.07
C SER B 152 -13.48 -26.17 14.91
N ALA B 153 -13.63 -27.17 14.05
CA ALA B 153 -12.85 -28.41 14.04
C ALA B 153 -11.94 -28.41 12.83
N TYR B 154 -12.29 -27.51 11.89
CA TYR B 154 -11.37 -27.06 10.90
C TYR B 154 -10.78 -25.66 11.12
N ALA B 155 -11.61 -24.63 11.19
CA ALA B 155 -11.07 -23.30 11.05
C ALA B 155 -10.48 -22.80 12.35
N ASN B 156 -11.32 -22.79 13.38
CA ASN B 156 -11.00 -22.20 14.70
C ASN B 156 -9.86 -22.96 15.26
N ALA B 157 -9.87 -24.26 14.95
CA ALA B 157 -8.78 -25.17 15.20
C ALA B 157 -7.53 -24.92 14.31
N VAL B 158 -7.66 -24.77 12.98
CA VAL B 158 -6.48 -24.19 12.20
C VAL B 158 -5.79 -22.85 12.72
N SER B 159 -6.61 -21.86 13.18
CA SER B 159 -6.12 -20.52 13.61
C SER B 159 -5.16 -20.73 14.68
N THR B 160 -5.67 -21.32 15.76
CA THR B 160 -4.94 -21.63 16.99
C THR B 160 -3.67 -22.38 16.67
N SER B 161 -3.77 -23.35 15.77
CA SER B 161 -2.67 -24.25 15.43
C SER B 161 -1.51 -23.45 14.91
N VAL B 162 -1.81 -22.52 14.01
CA VAL B 162 -0.77 -21.59 13.50
C VAL B 162 -0.34 -20.60 14.55
N ILE B 163 -1.28 -20.08 15.38
CA ILE B 163 -1.03 -18.99 16.38
C ILE B 163 0.08 -19.54 17.28
N CYS B 164 -0.13 -20.74 17.75
CA CYS B 164 0.75 -21.44 18.62
C CYS B 164 2.06 -21.54 18.01
N GLU B 165 2.05 -21.87 16.74
CA GLU B 165 3.25 -22.05 16.02
C GLU B 165 3.87 -20.65 15.91
N LEU B 166 3.07 -19.61 15.71
CA LEU B 166 3.67 -18.29 15.68
C LEU B 166 4.53 -18.05 16.94
N LEU B 167 3.84 -18.01 18.11
CA LEU B 167 4.41 -17.82 19.47
C LEU B 167 5.58 -18.72 19.84
N GLY B 168 5.25 -19.98 20.03
CA GLY B 168 6.05 -20.93 20.76
C GLY B 168 5.31 -22.14 21.31
N ILE B 169 4.03 -21.92 21.44
CA ILE B 169 3.15 -22.79 22.27
C ILE B 169 3.30 -24.27 21.80
N PRO B 170 4.00 -25.11 22.65
CA PRO B 170 4.31 -26.43 22.34
C PRO B 170 3.02 -27.14 22.47
N ARG B 171 2.80 -28.09 21.57
CA ARG B 171 1.51 -28.77 21.48
C ARG B 171 1.60 -29.71 22.63
N HIS B 172 1.17 -29.24 23.80
CA HIS B 172 1.10 -30.12 24.97
C HIS B 172 -0.35 -30.30 25.45
N ASP B 173 -1.06 -29.25 25.97
CA ASP B 173 -0.75 -27.80 26.06
C ASP B 173 -0.97 -27.04 24.76
N LEU B 174 -1.29 -27.80 23.70
CA LEU B 174 -1.77 -27.18 22.50
C LEU B 174 -3.20 -26.85 22.83
N GLU B 175 -3.98 -27.90 23.02
CA GLU B 175 -5.40 -27.70 23.15
C GLU B 175 -5.84 -27.00 24.46
N PHE B 176 -4.93 -26.85 25.42
CA PHE B 176 -5.16 -26.04 26.60
C PHE B 176 -5.58 -24.75 25.99
N PHE B 177 -4.66 -24.23 25.17
CA PHE B 177 -4.70 -22.87 24.60
C PHE B 177 -5.92 -22.90 23.70
N ARG B 178 -6.04 -23.99 22.94
CA ARG B 178 -7.21 -24.19 22.10
C ARG B 178 -8.43 -24.06 22.96
N ASP B 179 -8.31 -24.51 24.20
CA ASP B 179 -9.36 -24.51 25.21
C ASP B 179 -9.59 -23.11 25.92
N VAL B 180 -8.54 -22.53 26.49
CA VAL B 180 -8.59 -21.34 27.29
C VAL B 180 -8.80 -20.11 26.42
N THR B 181 -8.58 -20.24 25.13
CA THR B 181 -8.95 -19.16 24.20
C THR B 181 -10.36 -19.42 23.71
N ARG B 182 -10.60 -20.69 23.43
CA ARG B 182 -11.96 -21.23 23.32
C ARG B 182 -12.83 -20.62 24.42
N ILE B 183 -12.47 -20.82 25.69
CA ILE B 183 -13.39 -20.67 26.85
C ILE B 183 -13.69 -19.24 27.25
N SER B 184 -12.72 -18.41 26.92
CA SER B 184 -12.94 -17.05 27.05
C SER B 184 -13.89 -16.44 26.01
N GLY B 185 -14.08 -17.03 24.82
CA GLY B 185 -15.03 -16.46 23.84
C GLY B 185 -16.50 -16.37 24.28
N SER B 186 -16.96 -17.28 25.13
CA SER B 186 -18.35 -17.71 25.16
C SER B 186 -19.83 -17.31 25.47
N ARG B 187 -20.01 -17.07 26.77
CA ARG B 187 -20.93 -16.14 27.41
C ARG B 187 -20.42 -16.47 28.88
N ALA B 191 -19.83 -18.48 31.38
CA ALA B 191 -19.32 -18.06 32.70
C ALA B 191 -18.86 -16.59 32.70
N GLU B 192 -18.44 -16.13 33.87
CA GLU B 192 -17.73 -14.86 33.96
C GLU B 192 -16.53 -15.01 34.85
N GLN B 193 -16.42 -16.21 35.37
CA GLN B 193 -15.18 -16.78 35.78
C GLN B 193 -14.63 -17.40 34.48
N VAL B 194 -14.94 -16.76 33.36
CA VAL B 194 -14.13 -16.60 32.16
C VAL B 194 -12.60 -16.51 32.42
N SER B 195 -12.35 -15.91 33.56
CA SER B 195 -11.16 -15.28 33.90
C SER B 195 -10.05 -16.24 34.18
N GLU B 196 -10.25 -17.09 35.17
CA GLU B 196 -9.14 -17.96 35.51
C GLU B 196 -8.82 -18.73 34.21
N ALA B 197 -9.88 -19.12 33.51
CA ALA B 197 -9.69 -19.83 32.27
C ALA B 197 -8.67 -18.98 31.47
N LEU B 198 -9.09 -17.72 31.23
CA LEU B 198 -8.26 -16.61 30.73
C LEU B 198 -6.91 -16.58 31.43
N GLY B 199 -6.92 -16.26 32.72
CA GLY B 199 -5.78 -16.41 33.68
C GLY B 199 -5.01 -17.67 33.54
N GLY B 200 -5.63 -18.82 33.35
CA GLY B 200 -4.83 -19.92 32.86
C GLY B 200 -3.81 -19.37 31.83
N LEU B 201 -4.31 -18.65 30.81
CA LEU B 201 -3.57 -18.36 29.52
C LEU B 201 -2.32 -17.63 29.81
N PHE B 202 -2.40 -16.75 30.80
CA PHE B 202 -1.27 -15.93 31.17
C PHE B 202 -0.29 -16.72 32.02
N GLY B 203 -0.85 -17.47 32.99
CA GLY B 203 -0.05 -18.49 33.67
C GLY B 203 0.84 -19.19 32.61
N LEU B 204 0.18 -19.52 31.48
CA LEU B 204 0.74 -20.33 30.40
C LEU B 204 1.98 -19.62 29.89
N LEU B 205 1.81 -18.33 29.64
CA LEU B 205 2.79 -17.63 28.88
C LEU B 205 3.89 -17.50 29.80
N GLY B 206 3.64 -16.78 30.87
CA GLY B 206 4.62 -16.70 31.93
C GLY B 206 5.51 -17.94 31.93
N GLY B 207 4.86 -19.10 31.97
CA GLY B 207 5.59 -20.33 32.07
C GLY B 207 6.61 -20.39 30.97
N LEU B 208 6.12 -20.07 29.78
CA LEU B 208 6.85 -20.23 28.57
C LEU B 208 7.88 -19.11 28.52
N VAL B 209 7.33 -17.90 28.54
CA VAL B 209 8.06 -16.63 28.53
C VAL B 209 9.23 -16.79 29.45
N ALA B 210 8.92 -17.04 30.71
CA ALA B 210 9.89 -17.15 31.79
C ALA B 210 10.95 -18.10 31.37
N GLU B 211 10.52 -19.17 30.72
CA GLU B 211 11.47 -20.17 30.37
C GLU B 211 12.09 -19.88 29.04
N ARG B 212 11.29 -19.62 28.00
CA ARG B 212 11.86 -19.43 26.68
C ARG B 212 12.96 -18.41 26.77
N ARG B 213 12.94 -17.60 27.83
CA ARG B 213 14.05 -16.68 28.07
C ARG B 213 15.33 -17.52 28.08
N GLU B 214 15.26 -18.64 28.81
CA GLU B 214 16.32 -19.64 29.00
C GLU B 214 16.45 -20.66 27.84
N GLU B 215 15.29 -21.07 27.34
CA GLU B 215 15.22 -21.94 26.19
C GLU B 215 14.91 -21.17 24.89
N PRO B 216 15.84 -20.31 24.45
CA PRO B 216 15.54 -19.62 23.20
C PRO B 216 15.41 -20.56 21.96
N ARG B 217 14.31 -20.47 21.17
CA ARG B 217 14.19 -21.04 19.79
C ARG B 217 13.74 -19.96 18.82
N ASP B 218 13.40 -20.25 17.56
CA ASP B 218 13.06 -19.10 16.68
C ASP B 218 11.54 -18.80 16.53
N ASP B 219 10.92 -18.73 17.70
CA ASP B 219 9.51 -18.56 17.85
C ASP B 219 9.22 -17.14 18.29
N LEU B 220 7.96 -16.69 18.20
CA LEU B 220 7.70 -15.26 18.60
C LEU B 220 8.24 -14.88 19.96
N ILE B 221 8.15 -15.78 20.97
CA ILE B 221 8.50 -15.41 22.36
C ILE B 221 9.96 -15.14 22.44
N SER B 222 10.73 -15.95 21.74
CA SER B 222 12.18 -15.67 21.67
C SER B 222 12.62 -14.29 21.14
N LYS B 223 12.15 -13.89 19.97
CA LYS B 223 12.29 -12.49 19.59
C LYS B 223 11.80 -11.60 20.74
N LEU B 224 10.57 -11.79 21.19
CA LEU B 224 10.05 -10.86 22.18
C LEU B 224 11.08 -10.62 23.28
N VAL B 225 11.56 -11.68 23.90
CA VAL B 225 12.36 -11.46 25.06
C VAL B 225 13.81 -11.29 24.71
N THR B 226 14.41 -12.34 24.15
CA THR B 226 15.85 -12.32 23.94
C THR B 226 16.19 -11.22 22.96
N ASP B 227 15.35 -11.04 21.95
CA ASP B 227 15.89 -10.31 20.81
C ASP B 227 15.63 -8.82 20.77
N HIS B 228 14.36 -8.42 20.70
CA HIS B 228 14.11 -7.01 20.58
C HIS B 228 14.15 -6.48 22.01
N LEU B 229 14.06 -7.36 23.00
CA LEU B 229 13.67 -6.82 24.31
C LEU B 229 14.30 -6.96 25.68
N VAL B 230 14.04 -8.07 26.39
CA VAL B 230 14.41 -8.17 27.83
C VAL B 230 15.95 -8.52 27.93
N PRO B 231 16.84 -7.49 28.19
CA PRO B 231 16.62 -6.21 28.87
C PRO B 231 15.20 -5.89 29.37
N GLY B 232 14.83 -4.63 29.46
CA GLY B 232 15.61 -3.54 29.03
C GLY B 232 14.45 -2.67 28.62
N ASN B 233 13.82 -3.01 27.49
CA ASN B 233 12.63 -2.29 27.06
C ASN B 233 11.38 -3.11 27.37
N VAL B 234 11.41 -4.07 28.28
CA VAL B 234 10.13 -4.71 28.63
C VAL B 234 9.88 -5.27 29.97
N THR B 235 8.95 -4.63 30.64
CA THR B 235 8.35 -5.16 31.82
C THR B 235 7.65 -6.44 31.32
N THR B 236 8.03 -7.58 31.88
CA THR B 236 7.48 -8.85 31.37
C THR B 236 5.96 -9.01 31.57
N GLU B 237 5.30 -7.95 32.00
CA GLU B 237 3.85 -7.93 32.10
C GLU B 237 3.40 -7.52 30.73
N GLN B 238 4.25 -6.72 30.12
CA GLN B 238 4.00 -6.17 28.81
C GLN B 238 4.17 -7.24 27.68
N LEU B 239 5.22 -8.07 27.74
CA LEU B 239 5.28 -9.14 26.78
C LEU B 239 3.89 -9.77 26.81
N LEU B 240 3.51 -10.23 27.99
CA LEU B 240 2.17 -10.81 28.23
C LEU B 240 0.98 -10.00 27.65
N SER B 241 0.79 -8.76 28.19
CA SER B 241 -0.19 -7.76 27.67
C SER B 241 -0.26 -7.82 26.22
N THR B 242 0.91 -7.93 25.57
CA THR B 242 0.96 -8.02 24.09
C THR B 242 0.42 -9.31 23.45
N LEU B 243 1.10 -10.39 23.80
CA LEU B 243 0.66 -11.71 23.39
C LEU B 243 -0.84 -11.67 23.42
N GLY B 244 -1.41 -11.43 24.60
CA GLY B 244 -2.87 -11.34 24.86
C GLY B 244 -3.70 -10.53 23.86
N ILE B 245 -3.15 -9.46 23.34
CA ILE B 245 -3.76 -8.89 22.13
C ILE B 245 -3.56 -9.59 20.83
N THR B 246 -2.29 -9.75 20.43
CA THR B 246 -2.06 -10.37 19.15
C THR B 246 -3.07 -11.55 19.02
N ILE B 247 -3.27 -12.37 20.03
CA ILE B 247 -3.97 -13.59 19.72
C ILE B 247 -5.40 -13.43 19.90
N ASN B 248 -5.87 -12.60 20.78
CA ASN B 248 -7.29 -12.43 20.65
C ASN B 248 -7.71 -11.56 19.50
N ALA B 249 -6.82 -10.61 19.14
CA ALA B 249 -6.69 -10.19 17.67
C ALA B 249 -6.62 -11.22 16.45
N GLY B 250 -5.52 -11.97 16.32
CA GLY B 250 -5.17 -12.73 15.12
C GLY B 250 -5.97 -14.02 14.93
N ARG B 251 -6.12 -14.82 16.00
CA ARG B 251 -6.97 -15.98 16.08
C ARG B 251 -8.46 -15.94 15.62
N GLU B 252 -9.38 -15.23 16.30
CA GLU B 252 -10.83 -15.41 15.93
C GLU B 252 -11.06 -14.89 14.55
N THR B 253 -10.26 -13.92 14.14
CA THR B 253 -10.48 -13.27 12.85
C THR B 253 -9.96 -14.13 11.67
N THR B 254 -8.98 -14.98 11.93
CA THR B 254 -8.61 -15.88 10.90
C THR B 254 -9.65 -17.02 10.89
N THR B 255 -10.29 -17.39 12.02
CA THR B 255 -11.28 -18.49 11.91
C THR B 255 -12.50 -17.92 11.19
N SER B 256 -13.03 -16.80 11.66
CA SER B 256 -14.06 -16.12 10.86
C SER B 256 -13.75 -16.29 9.37
N MET B 257 -12.65 -15.67 8.91
CA MET B 257 -12.26 -15.82 7.49
C MET B 257 -12.16 -17.23 6.84
N ILE B 258 -11.49 -18.25 7.39
CA ILE B 258 -11.53 -19.58 6.73
C ILE B 258 -12.99 -19.99 6.48
N ALA B 259 -13.77 -20.24 7.55
CA ALA B 259 -15.18 -20.57 7.42
C ALA B 259 -15.87 -19.74 6.31
N LEU B 260 -15.95 -18.42 6.43
CA LEU B 260 -16.55 -17.63 5.30
C LEU B 260 -16.01 -17.78 3.86
N SER B 261 -14.71 -17.87 3.71
CA SER B 261 -14.15 -18.27 2.43
C SER B 261 -14.85 -19.55 2.06
N THR B 262 -14.92 -20.50 3.00
CA THR B 262 -15.06 -21.90 2.56
C THR B 262 -16.47 -22.10 2.24
N LEU B 263 -17.36 -21.72 3.16
CA LEU B 263 -18.73 -21.92 2.85
C LEU B 263 -18.90 -21.22 1.53
N LEU B 264 -18.36 -20.01 1.38
CA LEU B 264 -18.46 -19.31 0.09
C LEU B 264 -18.18 -20.17 -1.18
N LEU B 265 -16.93 -20.60 -1.38
CA LEU B 265 -16.54 -21.47 -2.46
C LEU B 265 -17.56 -22.51 -2.88
N LEU B 266 -18.13 -23.22 -1.89
CA LEU B 266 -19.17 -24.23 -2.04
C LEU B 266 -20.45 -23.61 -2.70
N ASP B 267 -21.07 -22.64 -2.02
CA ASP B 267 -22.04 -21.72 -2.69
C ASP B 267 -21.80 -21.22 -4.16
N ARG B 268 -20.59 -20.76 -4.49
CA ARG B 268 -20.18 -20.38 -5.88
C ARG B 268 -19.19 -21.40 -6.49
N PRO B 269 -19.74 -22.43 -7.12
CA PRO B 269 -18.99 -23.70 -7.30
C PRO B 269 -18.00 -23.60 -8.51
N GLU B 270 -18.27 -22.59 -9.37
CA GLU B 270 -17.38 -22.13 -10.45
C GLU B 270 -15.95 -22.00 -9.94
N LEU B 271 -15.87 -21.39 -8.74
CA LEU B 271 -14.65 -20.93 -8.10
C LEU B 271 -13.67 -22.08 -7.81
N PRO B 272 -14.04 -22.98 -6.89
CA PRO B 272 -13.13 -24.07 -6.55
C PRO B 272 -12.73 -24.92 -7.80
N ALA B 273 -13.57 -24.91 -8.85
CA ALA B 273 -13.26 -25.48 -10.15
C ALA B 273 -12.54 -24.47 -11.03
N GLU B 274 -12.60 -23.21 -10.71
CA GLU B 274 -11.57 -22.41 -11.25
C GLU B 274 -10.23 -22.84 -10.65
N LEU B 275 -10.26 -23.34 -9.42
CA LEU B 275 -9.05 -23.41 -8.60
C LEU B 275 -8.30 -24.70 -8.65
N ARG B 276 -9.02 -25.81 -8.78
CA ARG B 276 -8.40 -27.09 -8.78
C ARG B 276 -7.72 -27.25 -10.14
N LYS B 277 -8.23 -26.50 -11.07
CA LYS B 277 -7.51 -26.29 -12.30
C LYS B 277 -6.22 -25.41 -12.03
N ASP B 278 -6.21 -24.66 -10.93
CA ASP B 278 -5.16 -23.70 -10.65
C ASP B 278 -4.30 -23.70 -9.35
N PRO B 279 -3.11 -24.32 -9.48
CA PRO B 279 -2.13 -24.31 -8.41
C PRO B 279 -1.64 -22.87 -8.19
N ASP B 280 -2.32 -21.97 -8.86
CA ASP B 280 -1.60 -20.85 -9.39
C ASP B 280 -2.50 -19.70 -9.11
N LEU B 281 -3.78 -20.00 -8.97
CA LEU B 281 -4.68 -19.00 -8.50
C LEU B 281 -4.65 -18.95 -6.97
N MET B 282 -3.90 -19.81 -6.30
CA MET B 282 -4.12 -19.90 -4.86
C MET B 282 -4.19 -18.50 -4.24
N PRO B 283 -3.19 -17.61 -4.55
CA PRO B 283 -2.86 -16.49 -3.66
C PRO B 283 -3.59 -15.23 -3.95
N ALA B 284 -3.89 -14.97 -5.21
CA ALA B 284 -4.38 -13.70 -5.60
C ALA B 284 -5.84 -13.83 -5.30
N ALA B 285 -6.13 -15.10 -5.00
CA ALA B 285 -7.43 -15.54 -4.84
C ALA B 285 -7.75 -15.22 -3.43
N VAL B 286 -6.83 -15.56 -2.56
CA VAL B 286 -7.12 -15.26 -1.18
C VAL B 286 -7.29 -13.80 -0.87
N ASP B 287 -6.41 -12.95 -1.43
CA ASP B 287 -6.65 -11.51 -1.52
C ASP B 287 -8.15 -11.16 -1.94
N GLU B 288 -8.59 -11.51 -3.17
CA GLU B 288 -9.99 -11.43 -3.54
C GLU B 288 -11.02 -12.01 -2.52
N LEU B 289 -10.66 -13.05 -1.80
CA LEU B 289 -11.53 -13.47 -0.67
C LEU B 289 -11.71 -12.44 0.45
N LEU B 290 -10.55 -12.01 0.93
CA LEU B 290 -10.38 -10.96 1.90
C LEU B 290 -11.11 -9.72 1.47
N ARG B 291 -10.99 -9.40 0.20
CA ARG B 291 -11.36 -8.12 -0.30
C ARG B 291 -12.85 -8.09 -0.17
N VAL B 292 -13.44 -9.17 -0.66
CA VAL B 292 -14.90 -9.27 -0.72
C VAL B 292 -15.41 -9.61 0.65
N LEU B 293 -14.73 -10.55 1.29
CA LEU B 293 -15.03 -10.86 2.69
C LEU B 293 -14.90 -9.62 3.65
N SER B 294 -13.74 -8.96 3.69
CA SER B 294 -13.51 -7.73 4.50
C SER B 294 -13.93 -7.89 5.95
N VAL B 295 -13.19 -8.59 6.81
CA VAL B 295 -13.95 -9.06 7.98
C VAL B 295 -14.08 -8.13 9.15
N ALA B 296 -13.21 -7.13 9.16
CA ALA B 296 -13.24 -6.18 10.28
C ALA B 296 -14.47 -5.46 9.89
N ASP B 297 -14.25 -4.66 8.85
CA ASP B 297 -15.24 -3.85 8.28
C ASP B 297 -15.42 -2.77 9.26
N SER B 298 -15.10 -3.14 10.51
CA SER B 298 -15.39 -2.34 11.66
C SER B 298 -14.46 -2.25 12.83
N ILE B 299 -13.70 -3.25 13.07
CA ILE B 299 -12.71 -3.09 14.09
C ILE B 299 -11.77 -1.89 14.32
N PRO B 300 -11.40 -1.14 13.23
CA PRO B 300 -10.71 0.17 13.35
C PRO B 300 -11.63 1.20 13.99
N LEU B 301 -11.24 1.61 15.19
CA LEU B 301 -11.99 2.56 15.95
C LEU B 301 -11.10 3.79 16.07
N ARG B 302 -11.64 4.98 15.88
CA ARG B 302 -10.83 6.17 16.10
C ARG B 302 -11.65 7.37 16.51
N VAL B 303 -11.01 8.24 17.26
CA VAL B 303 -11.54 9.55 17.40
C VAL B 303 -10.81 10.18 16.29
N ALA B 304 -11.42 11.31 15.87
CA ALA B 304 -10.86 12.60 15.24
C ALA B 304 -9.99 13.61 15.96
N ALA B 305 -8.68 13.60 15.85
CA ALA B 305 -7.82 14.56 16.57
C ALA B 305 -8.00 16.06 16.34
N GLU B 306 -7.62 16.63 15.19
CA GLU B 306 -8.03 17.98 14.93
C GLU B 306 -9.36 17.80 14.17
N ASP B 307 -9.97 18.88 13.67
CA ASP B 307 -11.05 18.76 12.68
C ASP B 307 -10.43 18.17 11.36
N ILE B 308 -11.19 17.34 10.63
CA ILE B 308 -10.68 16.59 9.45
C ILE B 308 -11.68 16.64 8.28
N GLU B 309 -11.18 17.14 7.15
CA GLU B 309 -11.95 17.29 5.93
C GLU B 309 -11.77 16.08 5.10
N LEU B 310 -12.84 15.75 4.36
CA LEU B 310 -13.09 14.41 3.81
C LEU B 310 -14.19 14.65 2.80
N SER B 311 -13.81 14.90 1.54
CA SER B 311 -14.76 15.32 0.49
C SER B 311 -15.96 16.12 0.96
N GLY B 312 -15.72 17.26 1.55
CA GLY B 312 -16.88 17.97 2.06
C GLY B 312 -16.87 17.86 3.58
N ARG B 313 -17.65 16.98 4.19
CA ARG B 313 -17.79 17.16 5.64
C ARG B 313 -16.54 17.01 6.50
N THR B 314 -16.59 17.78 7.56
CA THR B 314 -15.61 17.69 8.58
C THR B 314 -15.94 16.54 9.51
N VAL B 315 -14.92 16.11 10.23
CA VAL B 315 -15.12 15.42 11.48
C VAL B 315 -14.47 16.19 12.63
N PRO B 316 -15.28 16.57 13.58
CA PRO B 316 -14.86 17.54 14.52
C PRO B 316 -13.86 17.04 15.60
N ALA B 317 -13.31 18.01 16.35
CA ALA B 317 -12.42 17.80 17.50
C ALA B 317 -13.00 16.81 18.52
N ASP B 318 -12.46 15.61 18.52
CA ASP B 318 -13.00 14.58 19.35
C ASP B 318 -14.55 14.23 19.21
N ASP B 319 -14.97 13.56 18.12
CA ASP B 319 -16.13 12.62 18.20
C ASP B 319 -15.60 11.29 17.75
N GLY B 320 -16.43 10.26 17.82
CA GLY B 320 -16.01 8.96 17.33
C GLY B 320 -16.06 8.81 15.81
N VAL B 321 -15.00 8.23 15.25
CA VAL B 321 -15.04 7.99 13.82
C VAL B 321 -14.61 6.58 13.59
N ILE B 322 -15.40 5.95 12.72
CA ILE B 322 -15.05 4.65 12.23
C ILE B 322 -14.90 4.64 10.68
N ALA B 323 -13.88 3.91 10.32
CA ALA B 323 -13.59 3.64 8.94
C ALA B 323 -14.20 2.29 8.64
N LEU B 324 -15.02 2.24 7.61
CA LEU B 324 -15.71 1.03 7.31
C LEU B 324 -15.05 0.34 6.17
N LEU B 325 -14.20 -0.63 6.51
CA LEU B 325 -13.46 -1.45 5.55
C LEU B 325 -14.34 -2.26 4.49
N ALA B 326 -15.49 -2.73 4.96
CA ALA B 326 -16.57 -3.15 4.03
C ALA B 326 -16.83 -2.05 3.01
N GLY B 327 -17.23 -0.84 3.43
CA GLY B 327 -17.46 0.23 2.45
C GLY B 327 -16.41 0.21 1.33
N ALA B 328 -15.14 0.22 1.73
CA ALA B 328 -14.01 0.46 0.84
C ALA B 328 -13.85 -0.57 -0.23
N ASN B 329 -14.01 -1.85 0.11
CA ASN B 329 -13.84 -2.86 -0.92
C ASN B 329 -15.07 -3.14 -1.70
N HIS B 330 -15.93 -2.14 -1.81
CA HIS B 330 -17.18 -2.27 -2.56
C HIS B 330 -17.48 -0.90 -3.08
N ASP B 331 -16.46 -0.07 -3.24
CA ASP B 331 -16.66 1.18 -3.87
C ASP B 331 -16.17 1.01 -5.31
N PRO B 332 -17.12 1.03 -6.28
CA PRO B 332 -17.01 1.11 -7.72
C PRO B 332 -15.80 1.87 -8.22
N GLU B 333 -15.33 2.90 -7.50
CA GLU B 333 -14.06 3.46 -7.90
C GLU B 333 -12.90 2.43 -7.77
N GLN B 334 -12.73 1.87 -6.55
CA GLN B 334 -11.64 0.91 -6.26
C GLN B 334 -11.39 0.01 -7.46
N PHE B 335 -12.40 -0.84 -7.72
CA PHE B 335 -12.42 -1.79 -8.83
C PHE B 335 -13.91 -2.09 -9.15
N ASP B 336 -14.05 -2.78 -10.27
CA ASP B 336 -15.33 -3.00 -10.90
C ASP B 336 -16.16 -4.19 -10.35
N ASP B 337 -17.50 -4.00 -10.39
CA ASP B 337 -18.54 -4.93 -9.88
C ASP B 337 -18.10 -5.40 -8.56
N PRO B 338 -18.24 -4.54 -7.59
CA PRO B 338 -17.73 -4.85 -6.27
C PRO B 338 -18.08 -6.18 -5.57
N GLU B 339 -19.07 -6.94 -6.04
CA GLU B 339 -19.36 -8.24 -5.43
C GLU B 339 -19.25 -9.29 -6.47
N ARG B 340 -18.66 -8.93 -7.63
CA ARG B 340 -18.12 -9.99 -8.49
C ARG B 340 -16.98 -10.52 -7.68
N VAL B 341 -17.09 -11.75 -7.26
CA VAL B 341 -15.93 -12.37 -6.79
C VAL B 341 -15.38 -12.79 -8.09
N ASP B 342 -14.48 -11.97 -8.57
CA ASP B 342 -13.75 -12.23 -9.74
C ASP B 342 -12.34 -12.50 -9.22
N PHE B 343 -11.81 -13.69 -9.29
CA PHE B 343 -10.37 -13.84 -8.95
C PHE B 343 -9.48 -13.12 -9.92
N HIS B 344 -10.06 -12.44 -10.92
CA HIS B 344 -9.24 -11.94 -12.01
C HIS B 344 -9.34 -10.43 -12.20
N ARG B 345 -9.33 -9.70 -11.10
CA ARG B 345 -9.09 -8.24 -11.19
C ARG B 345 -7.63 -7.91 -10.87
N THR B 346 -7.29 -6.65 -10.65
CA THR B 346 -5.99 -6.30 -10.00
C THR B 346 -6.04 -6.14 -8.44
N ASP B 347 -7.25 -6.36 -7.86
CA ASP B 347 -7.67 -6.21 -6.40
C ASP B 347 -7.09 -4.97 -5.72
N ASN B 348 -5.90 -4.63 -6.21
CA ASN B 348 -5.16 -3.43 -5.90
C ASN B 348 -4.89 -3.29 -4.42
N HIS B 349 -5.60 -2.36 -3.81
CA HIS B 349 -5.44 -2.14 -2.39
C HIS B 349 -6.76 -2.63 -1.74
N HIS B 350 -6.89 -3.92 -1.48
CA HIS B 350 -7.99 -4.43 -0.65
C HIS B 350 -7.60 -4.25 0.77
N VAL B 351 -8.13 -3.16 1.33
CA VAL B 351 -7.79 -2.70 2.68
C VAL B 351 -8.50 -3.55 3.74
N ALA B 352 -8.44 -4.86 3.50
CA ALA B 352 -9.18 -5.76 4.33
C ALA B 352 -8.50 -5.77 5.71
N PHE B 353 -7.27 -5.31 5.71
CA PHE B 353 -6.47 -5.25 6.90
C PHE B 353 -6.17 -3.81 7.33
N GLY B 354 -6.92 -2.85 6.74
CA GLY B 354 -6.69 -1.42 6.94
C GLY B 354 -5.49 -0.68 6.29
N TYR B 355 -5.30 0.50 6.85
CA TYR B 355 -4.24 1.42 6.61
C TYR B 355 -4.04 2.03 7.97
N GLY B 356 -3.32 3.17 8.05
CA GLY B 356 -2.71 3.66 9.35
C GLY B 356 -1.42 2.87 9.80
N VAL B 357 -0.74 3.35 10.83
CA VAL B 357 0.36 2.49 11.24
C VAL B 357 -0.39 1.27 11.80
N HIS B 358 -1.66 1.51 12.05
CA HIS B 358 -2.53 0.58 12.71
C HIS B 358 -3.09 -0.55 11.81
N GLN B 359 -2.36 -1.01 10.80
CA GLN B 359 -2.97 -1.99 9.88
C GLN B 359 -2.34 -3.31 10.30
N CYS B 360 -2.99 -4.45 10.13
CA CYS B 360 -2.46 -5.69 10.71
C CYS B 360 -0.95 -5.98 10.48
N VAL B 361 -0.21 -6.19 11.58
CA VAL B 361 1.16 -6.76 11.53
C VAL B 361 1.16 -8.22 10.95
N GLY B 362 -0.01 -8.83 10.78
CA GLY B 362 -0.24 -10.24 10.53
C GLY B 362 -0.87 -10.45 9.18
N GLN B 363 -1.23 -9.38 8.49
CA GLN B 363 -1.52 -9.44 7.02
C GLN B 363 -0.72 -10.50 6.30
N HIS B 364 0.59 -10.57 6.44
CA HIS B 364 1.26 -11.69 5.79
C HIS B 364 0.93 -13.11 6.23
N LEU B 365 1.04 -13.36 7.52
CA LEU B 365 0.67 -14.68 7.96
C LEU B 365 -0.78 -15.08 7.83
N ALA B 366 -1.71 -14.14 7.65
CA ALA B 366 -3.15 -14.48 7.35
C ALA B 366 -3.31 -15.00 5.96
N ARG B 367 -2.65 -14.31 5.08
CA ARG B 367 -2.67 -14.75 3.74
C ARG B 367 -1.82 -15.93 3.55
N LEU B 368 -0.89 -16.22 4.45
CA LEU B 368 -0.41 -17.62 4.57
C LEU B 368 -1.53 -18.57 5.04
N GLU B 369 -2.24 -18.30 6.14
CA GLU B 369 -3.22 -19.28 6.64
C GLU B 369 -4.35 -19.61 5.61
N LEU B 370 -4.64 -18.72 4.68
CA LEU B 370 -5.79 -19.01 3.79
C LEU B 370 -5.37 -19.74 2.49
N GLU B 371 -4.25 -19.30 1.94
CA GLU B 371 -3.62 -19.91 0.78
C GLU B 371 -3.28 -21.39 1.00
N VAL B 372 -2.87 -21.83 2.18
CA VAL B 372 -2.78 -23.27 2.25
C VAL B 372 -3.95 -23.86 3.01
N ALA B 373 -4.55 -23.06 3.89
CA ALA B 373 -5.77 -23.52 4.54
C ALA B 373 -6.79 -24.06 3.50
N LEU B 374 -7.01 -23.29 2.44
CA LEU B 374 -8.09 -23.65 1.53
C LEU B 374 -7.49 -24.55 0.50
N GLU B 375 -6.41 -24.12 -0.13
CA GLU B 375 -5.64 -25.01 -1.09
C GLU B 375 -5.66 -26.47 -0.65
N THR B 376 -5.10 -26.83 0.50
CA THR B 376 -5.14 -28.20 0.94
C THR B 376 -6.59 -28.66 1.27
N LEU B 377 -7.40 -27.90 2.02
CA LEU B 377 -8.82 -28.23 2.20
C LEU B 377 -9.45 -28.75 0.94
N LEU B 378 -9.49 -27.98 -0.10
CA LEU B 378 -10.14 -28.51 -1.31
C LEU B 378 -9.30 -29.51 -2.11
N ARG B 379 -8.05 -29.13 -2.43
CA ARG B 379 -7.03 -30.04 -3.08
C ARG B 379 -6.78 -31.36 -2.33
N ARG B 380 -7.08 -31.50 -1.03
CA ARG B 380 -7.21 -32.87 -0.36
C ARG B 380 -8.65 -33.38 0.03
N VAL B 381 -9.64 -32.65 -0.44
CA VAL B 381 -10.98 -33.23 -0.55
C VAL B 381 -11.81 -32.39 -1.53
N PRO B 382 -11.94 -32.89 -2.76
CA PRO B 382 -12.99 -32.78 -3.72
C PRO B 382 -14.29 -31.98 -3.47
N THR B 383 -15.08 -32.31 -2.49
CA THR B 383 -16.27 -31.52 -2.25
C THR B 383 -16.90 -32.18 -1.12
N LEU B 384 -17.67 -31.30 -0.45
CA LEU B 384 -18.22 -31.49 0.85
C LEU B 384 -19.51 -30.86 0.76
N ARG B 385 -20.50 -31.58 1.21
CA ARG B 385 -21.88 -31.11 1.30
C ARG B 385 -21.93 -30.45 2.65
N LEU B 386 -23.09 -29.93 3.05
CA LEU B 386 -23.22 -29.07 4.26
C LEU B 386 -24.11 -29.66 5.40
N ALA B 387 -25.10 -30.48 5.02
CA ALA B 387 -25.84 -31.41 5.92
C ALA B 387 -26.83 -32.18 5.09
N GLU B 389 -31.25 -27.46 5.73
CA GLU B 389 -29.98 -28.02 6.18
C GLU B 389 -28.78 -27.48 5.37
N ARG B 390 -29.03 -27.23 4.08
CA ARG B 390 -28.09 -26.48 3.17
C ARG B 390 -28.59 -25.05 2.83
N ASP B 391 -27.65 -24.09 2.84
CA ASP B 391 -27.91 -22.62 2.99
C ASP B 391 -29.12 -22.50 3.97
N GLN B 392 -29.09 -23.35 4.97
CA GLN B 392 -29.91 -23.20 6.16
C GLN B 392 -29.00 -23.17 7.46
N VAL B 393 -28.34 -22.02 7.63
CA VAL B 393 -27.25 -21.78 8.62
C VAL B 393 -27.43 -20.40 9.28
N VAL B 394 -26.74 -20.13 10.40
CA VAL B 394 -26.73 -18.70 10.88
C VAL B 394 -25.40 -17.92 11.05
N VAL B 395 -25.53 -16.60 10.86
CA VAL B 395 -24.43 -15.70 10.96
C VAL B 395 -24.04 -15.69 12.44
N LYS B 396 -22.93 -14.98 12.71
CA LYS B 396 -22.43 -14.73 14.06
C LYS B 396 -23.06 -13.36 14.19
N HIS B 397 -22.41 -12.31 13.68
CA HIS B 397 -23.04 -10.99 13.62
C HIS B 397 -23.36 -10.34 14.96
N ASP B 398 -23.02 -11.10 16.01
CA ASP B 398 -23.42 -10.90 17.39
C ASP B 398 -22.14 -10.76 18.19
N SER B 399 -21.01 -11.10 17.57
CA SER B 399 -19.74 -10.87 18.20
C SER B 399 -18.83 -10.01 17.32
N ALA B 400 -19.10 -8.71 17.32
CA ALA B 400 -18.20 -7.73 16.73
C ALA B 400 -18.00 -7.98 15.25
N THR B 401 -16.75 -7.91 14.82
CA THR B 401 -16.33 -8.40 13.51
C THR B 401 -17.10 -9.69 13.19
N PHE B 402 -17.51 -9.86 11.94
CA PHE B 402 -18.53 -10.85 11.60
C PHE B 402 -18.01 -12.23 11.33
N GLY B 403 -18.95 -13.17 11.27
CA GLY B 403 -18.64 -14.60 11.21
C GLY B 403 -19.78 -15.61 11.09
N LEU B 404 -19.47 -16.84 11.46
CA LEU B 404 -20.42 -17.90 11.46
C LEU B 404 -20.43 -18.52 12.80
N GLU B 405 -21.60 -18.63 13.40
CA GLU B 405 -21.78 -19.31 14.66
C GLU B 405 -21.09 -20.70 14.54
N GLU B 406 -21.56 -21.46 13.55
CA GLU B 406 -21.11 -22.84 13.32
C GLU B 406 -21.69 -23.46 12.05
N LEU B 407 -20.79 -24.12 11.34
CA LEU B 407 -21.06 -24.62 9.99
C LEU B 407 -20.33 -25.95 9.93
N MET B 408 -20.98 -26.92 9.27
CA MET B 408 -20.75 -28.39 9.36
C MET B 408 -20.94 -28.99 8.00
N VAL B 409 -20.39 -30.20 7.75
CA VAL B 409 -20.08 -30.74 6.37
C VAL B 409 -19.55 -32.24 6.38
N THR B 410 -19.14 -32.78 5.21
CA THR B 410 -18.38 -34.08 5.13
C THR B 410 -17.64 -34.38 3.83
CHA HEM C . 4.51 11.96 -5.04
CHB HEM C . 7.08 8.67 -7.53
CHC HEM C . 4.53 9.71 -11.54
CHD HEM C . 1.61 12.60 -8.94
C1A HEM C . 5.36 10.93 -5.35
C2A HEM C . 6.11 10.12 -4.40
C3A HEM C . 6.81 9.23 -5.09
C4A HEM C . 6.54 9.40 -6.50
CMA HEM C . 7.77 8.16 -4.48
CAA HEM C . 6.10 10.29 -2.87
CBA HEM C . 5.83 11.75 -2.52
CGA HEM C . 5.87 11.92 -1.03
O1A HEM C . 4.78 12.11 -0.41
O2A HEM C . 6.98 11.87 -0.44
C1B HEM C . 6.62 8.68 -8.84
C2B HEM C . 7.16 7.89 -9.93
C3B HEM C . 6.46 8.17 -11.03
C4B HEM C . 5.46 9.15 -10.68
CMB HEM C . 8.34 6.90 -9.84
CAB HEM C . 6.69 7.57 -12.44
CBB HEM C . 6.44 6.27 -12.65
C1C HEM C . 3.56 10.63 -11.20
C2C HEM C . 2.74 11.38 -12.12
C3C HEM C . 1.94 12.18 -11.40
C4C HEM C . 2.22 11.97 -10.01
CMC HEM C . 2.77 11.28 -13.67
CAC HEM C . 0.88 13.15 -11.98
CBC HEM C . 1.24 14.07 -12.89
C1D HEM C . 2.14 12.76 -7.67
C2D HEM C . 1.64 13.68 -6.68
C3D HEM C . 2.56 13.48 -5.46
C4D HEM C . 3.50 12.46 -5.84
CMD HEM C . 0.47 14.66 -6.82
CAD HEM C . 2.47 14.22 -4.10
CBD HEM C . 1.32 13.66 -3.29
CGD HEM C . 1.10 14.51 -2.06
O1D HEM C . 2.07 14.67 -1.27
O2D HEM C . -0.02 15.03 -1.88
NA HEM C . 5.64 10.46 -6.62
NB HEM C . 5.58 9.44 -9.34
NC HEM C . 3.23 11.02 -9.91
ND HEM C . 3.22 12.06 -7.15
FE HEM C . 4.41 10.75 -8.25
CHA HEM D . -4.56 -5.12 13.91
CHB HEM D . -7.11 -7.20 10.34
CHC HEM D . -4.88 -11.42 11.19
CHD HEM D . -2.08 -9.31 14.54
C1A HEM D . -5.37 -5.30 12.81
C2A HEM D . -6.01 -4.25 12.05
C3A HEM D . -6.71 -4.81 11.07
C4A HEM D . -6.54 -6.25 11.17
CMA HEM D . -7.55 -4.08 10.01
CAA HEM D . -5.90 -2.73 12.33
CBA HEM D . -7.27 -2.08 12.21
CGA HEM D . -7.41 -1.00 13.23
O1A HEM D . -8.40 -1.01 14.00
O2A HEM D . -6.52 -0.10 13.28
C1B HEM D . -6.73 -8.52 10.25
C2B HEM D . -7.24 -9.50 9.31
C3B HEM D . -6.62 -10.66 9.54
C4B HEM D . -5.70 -10.47 10.64
CMB HEM D . -8.30 -9.23 8.21
CAB HEM D . -6.86 -11.97 8.77
CBB HEM D . -7.73 -12.87 9.24
C1C HEM D . -3.99 -11.24 12.23
C2C HEM D . -3.31 -12.27 12.97
C3C HEM D . -2.54 -11.69 13.89
C4C HEM D . -2.70 -10.26 13.77
CMC HEM D . -3.45 -13.80 12.73
CAC HEM D . -1.63 -12.42 14.91
CBC HEM D . -0.40 -12.81 14.55
C1D HEM D . -2.44 -7.98 14.67
C2D HEM D . -1.74 -7.00 15.47
C3D HEM D . -2.51 -5.68 15.27
C4D HEM D . -3.60 -6.01 14.36
CMD HEM D . -0.49 -7.22 16.34
CAD HEM D . -2.21 -4.31 15.90
CBD HEM D . -1.38 -3.48 14.92
CGD HEM D . -1.28 -2.06 15.42
O1D HEM D . -2.33 -1.37 15.47
O2D HEM D . -0.16 -1.62 15.77
NA HEM D . -5.71 -6.51 12.24
NB HEM D . -5.79 -9.15 11.05
NC HEM D . -3.59 -10.02 12.74
ND HEM D . -3.51 -7.36 14.03
FE HEM D . -4.65 -8.25 12.53
#